data_1GYK
#
_entry.id   1GYK
#
_cell.length_a   95.760
_cell.length_b   70.530
_cell.length_c   103.410
_cell.angle_alpha   90.00
_cell.angle_beta   96.80
_cell.angle_gamma   90.00
#
_symmetry.space_group_name_H-M   'P 1 21 1'
#
loop_
_entity.id
_entity.type
_entity.pdbx_description
1 polymer 'SERUM AMYLOID P-COMPONENT'
2 non-polymer 'CALCIUM ION'
3 non-polymer 'METHYL 4,6-O-[(1R)-1-CARBOXYETHYLIDENE]-BETA-D-GALACTOPYRANOSIDE'
#
_entity_poly.entity_id   1
_entity_poly.type   'polypeptide(L)'
_entity_poly.pdbx_seq_one_letter_code
;HTDLSGKVFVFPRESVTDHVNLITPLEKPLQNFTLCFRAYSDLSRAYSLFSYNTQGRDNELLVYKERVGEYSLYIGRHKV
TSKVIEKFPAPVHICVSWESSSGIAEFWINGTPLVKKGLRQGYFVEAQPKIVLGQEQDSYGGKFDRSQSFVGEIGDLYMW
DSVLPPENILSAYQGTPLPANILDWQALNYEIRGYVIIKPLVWV
;
_entity_poly.pdbx_strand_id   A,B,C,D,E
#
loop_
_chem_comp.id
_chem_comp.type
_chem_comp.name
_chem_comp.formula
CA non-polymer 'CALCIUM ION' 'Ca 2'
CDG non-polymer 'METHYL 4,6-O-[(1R)-1-CARBOXYETHYLIDENE]-BETA-D-GALACTOPYRANOSIDE' 'C10 H16 O8'
#
# COMPACT_ATOMS: atom_id res chain seq x y z
N HIS A 1 24.97 -22.82 -33.96
CA HIS A 1 24.74 -21.77 -32.92
C HIS A 1 24.11 -20.52 -33.52
N THR A 2 23.23 -19.88 -32.73
CA THR A 2 22.45 -18.68 -33.12
C THR A 2 22.63 -17.53 -32.14
N ASP A 3 22.55 -16.31 -32.68
CA ASP A 3 22.59 -15.08 -31.92
C ASP A 3 21.12 -14.74 -31.65
N LEU A 4 20.74 -14.91 -30.39
CA LEU A 4 19.39 -14.64 -29.95
C LEU A 4 19.20 -13.31 -29.22
N SER A 5 20.14 -12.37 -29.47
CA SER A 5 20.12 -11.00 -28.91
C SER A 5 18.90 -10.22 -29.38
N GLY A 6 18.21 -9.75 -28.34
CA GLY A 6 16.98 -8.97 -28.44
C GLY A 6 15.79 -9.85 -28.73
N LYS A 7 15.94 -11.16 -28.51
CA LYS A 7 14.88 -12.15 -28.75
C LYS A 7 14.59 -12.97 -27.50
N VAL A 8 13.44 -13.62 -27.56
CA VAL A 8 12.87 -14.40 -26.47
C VAL A 8 12.27 -15.73 -26.99
N PHE A 9 12.22 -16.76 -26.11
CA PHE A 9 11.54 -18.03 -26.39
C PHE A 9 10.24 -17.80 -25.67
N VAL A 10 9.14 -18.02 -26.39
CA VAL A 10 7.82 -17.89 -25.83
C VAL A 10 7.19 -19.28 -25.86
N PHE A 11 6.85 -19.73 -24.65
CA PHE A 11 6.16 -20.99 -24.30
C PHE A 11 4.72 -20.40 -24.15
N PRO A 12 3.90 -20.47 -25.23
CA PRO A 12 2.56 -19.90 -25.22
C PRO A 12 1.35 -20.53 -24.55
N ARG A 13 1.47 -21.76 -24.07
CA ARG A 13 0.39 -22.55 -23.43
C ARG A 13 0.94 -23.53 -22.40
N GLU A 14 0.05 -24.12 -21.62
CA GLU A 14 0.41 -25.16 -20.65
C GLU A 14 0.32 -26.51 -21.43
N SER A 15 1.35 -27.34 -21.23
CA SER A 15 1.50 -28.68 -21.85
C SER A 15 2.50 -29.53 -21.04
N VAL A 16 2.62 -30.77 -21.47
CA VAL A 16 3.55 -31.75 -20.92
C VAL A 16 4.56 -32.11 -22.08
N THR A 17 4.50 -31.55 -23.33
CA THR A 17 5.29 -31.75 -24.57
C THR A 17 6.22 -30.54 -24.89
N ASP A 18 5.80 -29.27 -24.93
CA ASP A 18 6.63 -28.12 -25.39
C ASP A 18 7.82 -27.77 -24.50
N HIS A 19 9.02 -27.88 -25.12
CA HIS A 19 10.31 -27.61 -24.47
C HIS A 19 11.45 -27.27 -25.43
N VAL A 20 12.48 -26.65 -24.86
CA VAL A 20 13.71 -26.37 -25.60
C VAL A 20 14.88 -27.10 -24.95
N ASN A 21 15.61 -27.89 -25.75
CA ASN A 21 16.83 -28.58 -25.30
C ASN A 21 18.01 -27.71 -25.63
N LEU A 22 18.90 -27.58 -24.65
CA LEU A 22 20.10 -26.79 -24.77
C LEU A 22 21.30 -27.68 -24.67
N ILE A 23 22.11 -27.60 -25.72
CA ILE A 23 23.32 -28.37 -25.97
C ILE A 23 24.58 -27.57 -25.58
N THR A 24 25.36 -28.17 -24.69
CA THR A 24 26.65 -27.67 -24.21
C THR A 24 27.66 -28.84 -24.16
N PRO A 25 28.94 -28.65 -24.64
CA PRO A 25 29.96 -29.72 -24.59
C PRO A 25 30.70 -29.88 -23.21
N LEU A 26 29.93 -30.36 -22.22
CA LEU A 26 30.39 -30.61 -20.85
C LEU A 26 30.96 -32.01 -20.66
N GLU A 27 32.29 -32.07 -20.56
CA GLU A 27 33.08 -33.29 -20.36
C GLU A 27 33.45 -33.53 -18.89
N LYS A 28 33.76 -32.40 -18.22
CA LYS A 28 34.20 -32.32 -16.83
C LYS A 28 33.12 -31.76 -15.87
N PRO A 29 32.92 -32.37 -14.65
CA PRO A 29 31.91 -31.89 -13.69
C PRO A 29 32.11 -30.50 -13.00
N LEU A 30 30.99 -29.82 -12.76
CA LEU A 30 30.90 -28.49 -12.15
C LEU A 30 31.10 -28.35 -10.65
N GLN A 31 32.06 -27.48 -10.33
CA GLN A 31 32.48 -27.12 -8.98
C GLN A 31 31.78 -25.78 -8.65
N ASN A 32 32.00 -24.80 -9.54
CA ASN A 32 31.48 -23.43 -9.47
C ASN A 32 30.68 -23.09 -10.71
N PHE A 33 29.64 -22.26 -10.52
CA PHE A 33 28.79 -21.71 -11.60
C PHE A 33 28.03 -20.42 -11.22
N THR A 34 27.57 -19.73 -12.27
CA THR A 34 26.65 -18.57 -12.23
C THR A 34 25.73 -18.84 -13.45
N LEU A 35 24.45 -18.53 -13.26
CA LEU A 35 23.40 -18.71 -14.26
C LEU A 35 22.46 -17.50 -14.16
N CYS A 36 22.45 -16.70 -15.23
CA CYS A 36 21.64 -15.50 -15.41
C CYS A 36 20.67 -15.63 -16.54
N PHE A 37 19.44 -15.14 -16.31
CA PHE A 37 18.31 -15.08 -17.27
C PHE A 37 17.23 -14.06 -16.89
N ARG A 38 16.36 -13.80 -17.87
CA ARG A 38 15.19 -12.95 -17.80
C ARG A 38 13.95 -13.84 -18.01
N ALA A 39 12.94 -13.67 -17.15
CA ALA A 39 11.68 -14.44 -17.18
C ALA A 39 10.46 -13.55 -16.99
N TYR A 40 9.41 -13.86 -17.76
CA TYR A 40 8.11 -13.18 -17.71
C TYR A 40 6.96 -14.18 -17.86
N SER A 41 6.29 -14.38 -16.71
CA SER A 41 5.13 -15.26 -16.52
C SER A 41 4.02 -14.62 -15.63
N ASP A 42 2.75 -14.94 -15.94
CA ASP A 42 1.60 -14.53 -15.11
C ASP A 42 0.93 -15.74 -14.38
N LEU A 43 1.71 -16.81 -14.23
CA LEU A 43 1.37 -18.07 -13.56
C LEU A 43 1.54 -17.86 -12.03
N SER A 44 0.50 -18.21 -11.27
CA SER A 44 0.53 -18.10 -9.79
C SER A 44 0.88 -19.42 -9.09
N ARG A 45 0.93 -20.53 -9.86
CA ARG A 45 1.32 -21.86 -9.37
C ARG A 45 2.84 -22.02 -9.49
N ALA A 46 3.35 -23.15 -8.98
CA ALA A 46 4.77 -23.53 -9.03
C ALA A 46 5.19 -23.99 -10.45
N TYR A 47 6.42 -23.63 -10.83
CA TYR A 47 7.02 -23.98 -12.12
C TYR A 47 8.53 -24.06 -12.05
N SER A 48 9.09 -24.72 -13.06
CA SER A 48 10.52 -24.87 -13.26
C SER A 48 11.01 -23.79 -14.23
N LEU A 49 12.21 -23.31 -13.95
CA LEU A 49 12.86 -22.29 -14.75
C LEU A 49 14.01 -22.86 -15.52
N PHE A 50 14.82 -23.68 -14.86
CA PHE A 50 16.01 -24.33 -15.44
C PHE A 50 16.04 -25.75 -14.84
N SER A 51 16.00 -26.77 -15.71
CA SER A 51 16.06 -28.20 -15.37
C SER A 51 17.29 -28.82 -16.02
N TYR A 52 18.17 -29.37 -15.18
CA TYR A 52 19.43 -30.03 -15.56
C TYR A 52 19.36 -31.32 -14.72
N ASN A 53 19.41 -32.42 -15.47
CA ASN A 53 19.41 -33.81 -14.98
C ASN A 53 20.52 -34.59 -15.67
N THR A 54 21.23 -35.41 -14.89
CA THR A 54 22.26 -36.30 -15.46
C THR A 54 21.74 -37.72 -15.36
N GLN A 55 22.40 -38.62 -16.11
CA GLN A 55 22.13 -40.09 -16.21
C GLN A 55 21.83 -40.83 -14.86
N GLY A 56 20.50 -40.95 -14.61
CA GLY A 56 19.94 -41.55 -13.38
C GLY A 56 20.05 -40.65 -12.14
N ARG A 57 20.16 -39.34 -12.40
CA ARG A 57 20.36 -38.27 -11.41
C ARG A 57 19.40 -37.05 -11.66
N ASP A 58 18.22 -37.15 -11.04
CA ASP A 58 17.11 -36.16 -11.08
C ASP A 58 17.37 -35.02 -10.10
N ASN A 59 17.03 -33.78 -10.50
CA ASN A 59 17.17 -32.50 -9.72
C ASN A 59 18.61 -32.19 -9.32
N GLU A 60 19.50 -32.46 -10.30
CA GLU A 60 20.94 -32.27 -10.17
C GLU A 60 21.31 -30.78 -10.06
N LEU A 61 20.57 -30.00 -10.85
CA LEU A 61 20.61 -28.53 -10.90
C LEU A 61 19.27 -28.07 -11.39
N LEU A 62 18.48 -27.59 -10.43
CA LEU A 62 17.14 -27.06 -10.70
C LEU A 62 16.81 -25.69 -10.07
N VAL A 63 16.38 -24.73 -10.92
CA VAL A 63 15.93 -23.38 -10.49
C VAL A 63 14.40 -23.52 -10.62
N TYR A 64 13.76 -23.45 -9.45
CA TYR A 64 12.34 -23.64 -9.26
C TYR A 64 11.68 -22.47 -8.55
N LYS A 65 10.55 -22.00 -9.08
CA LYS A 65 9.80 -20.93 -8.38
C LYS A 65 8.64 -21.60 -7.65
N GLU A 66 8.61 -21.43 -6.33
CA GLU A 66 7.58 -22.02 -5.45
C GLU A 66 6.21 -21.35 -5.53
N ARG A 67 6.25 -20.03 -5.39
CA ARG A 67 5.13 -19.08 -5.37
C ARG A 67 5.78 -17.71 -5.61
N VAL A 68 4.99 -16.62 -5.51
CA VAL A 68 5.45 -15.20 -5.65
C VAL A 68 6.40 -14.91 -4.47
N GLY A 69 7.62 -14.46 -4.81
CA GLY A 69 8.63 -14.11 -3.83
C GLY A 69 9.61 -15.18 -3.42
N GLU A 70 9.24 -16.45 -3.61
CA GLU A 70 10.03 -17.60 -3.23
C GLU A 70 10.69 -18.33 -4.39
N TYR A 71 12.01 -18.40 -4.27
CA TYR A 71 12.91 -19.01 -5.23
C TYR A 71 13.71 -20.15 -4.63
N SER A 72 13.77 -21.25 -5.37
CA SER A 72 14.48 -22.44 -4.98
C SER A 72 15.56 -22.95 -5.95
N LEU A 73 16.66 -23.41 -5.35
CA LEU A 73 17.79 -24.00 -6.06
C LEU A 73 17.99 -25.38 -5.47
N TYR A 74 18.05 -26.34 -6.38
CA TYR A 74 18.32 -27.73 -6.10
C TYR A 74 19.70 -28.06 -6.61
N ILE A 75 20.55 -28.57 -5.72
CA ILE A 75 21.89 -29.06 -6.06
C ILE A 75 21.83 -30.50 -5.53
N GLY A 76 21.86 -31.48 -6.46
CA GLY A 76 21.85 -32.93 -6.19
C GLY A 76 20.81 -33.50 -5.23
N ARG A 77 19.51 -33.25 -5.51
CA ARG A 77 18.27 -33.64 -4.73
C ARG A 77 17.97 -32.74 -3.53
N HIS A 78 18.97 -32.00 -3.07
CA HIS A 78 18.90 -31.12 -1.92
C HIS A 78 18.48 -29.74 -2.34
N LYS A 79 17.52 -29.15 -1.64
CA LYS A 79 17.01 -27.81 -1.94
C LYS A 79 17.39 -26.72 -0.93
N VAL A 80 17.29 -25.48 -1.41
CA VAL A 80 17.56 -24.26 -0.66
C VAL A 80 16.59 -23.21 -1.20
N THR A 81 15.86 -22.57 -0.28
CA THR A 81 14.85 -21.53 -0.59
C THR A 81 15.12 -20.15 0.10
N SER A 82 15.04 -19.10 -0.73
CA SER A 82 15.20 -17.70 -0.33
C SER A 82 14.03 -16.86 -0.82
N LYS A 83 13.67 -15.86 0.01
CA LYS A 83 12.54 -14.94 -0.23
C LYS A 83 12.90 -13.53 -0.70
N VAL A 84 11.96 -12.86 -1.38
CA VAL A 84 12.10 -11.48 -1.91
C VAL A 84 10.74 -10.79 -2.02
N ILE A 85 10.75 -9.46 -2.01
CA ILE A 85 9.57 -8.63 -2.22
C ILE A 85 9.52 -8.42 -3.75
N GLU A 86 8.43 -8.88 -4.37
CA GLU A 86 8.20 -8.68 -5.80
C GLU A 86 6.75 -8.46 -6.16
N LYS A 87 6.56 -7.81 -7.31
CA LYS A 87 5.26 -7.50 -7.91
C LYS A 87 4.84 -8.67 -8.81
N PHE A 88 3.54 -8.94 -8.75
CA PHE A 88 2.90 -9.99 -9.52
C PHE A 88 1.72 -9.39 -10.33
N PRO A 89 1.75 -9.43 -11.70
CA PRO A 89 2.79 -9.99 -12.58
C PRO A 89 3.79 -8.92 -13.02
N ALA A 90 5.05 -9.34 -13.15
CA ALA A 90 6.15 -8.45 -13.52
C ALA A 90 7.38 -9.15 -14.11
N PRO A 91 8.16 -8.46 -15.02
CA PRO A 91 9.39 -9.04 -15.60
C PRO A 91 10.45 -9.13 -14.45
N VAL A 92 11.22 -10.23 -14.49
CA VAL A 92 12.28 -10.49 -13.52
C VAL A 92 13.57 -10.95 -14.18
N HIS A 93 14.70 -10.48 -13.63
CA HIS A 93 16.05 -10.88 -14.02
C HIS A 93 16.55 -11.66 -12.79
N ILE A 94 16.91 -12.91 -13.04
CA ILE A 94 17.39 -13.86 -12.05
C ILE A 94 18.83 -14.26 -12.36
N CYS A 95 19.63 -14.25 -11.30
CA CYS A 95 21.01 -14.68 -11.26
C CYS A 95 21.07 -15.61 -10.05
N VAL A 96 21.71 -16.75 -10.26
CA VAL A 96 21.90 -17.76 -9.24
C VAL A 96 23.32 -18.31 -9.42
N SER A 97 24.06 -18.36 -8.31
CA SER A 97 25.41 -18.89 -8.27
C SER A 97 25.61 -19.91 -7.17
N TRP A 98 26.51 -20.87 -7.39
CA TRP A 98 26.87 -21.88 -6.39
C TRP A 98 28.33 -22.21 -6.49
N GLU A 99 28.90 -22.49 -5.31
CA GLU A 99 30.32 -22.78 -5.07
C GLU A 99 30.40 -24.01 -4.19
N SER A 100 31.16 -25.01 -4.64
CA SER A 100 31.37 -26.30 -3.95
C SER A 100 32.13 -26.27 -2.62
N SER A 101 33.18 -25.44 -2.55
CA SER A 101 34.08 -25.28 -1.39
C SER A 101 33.42 -24.84 -0.09
N SER A 102 32.50 -23.88 -0.22
CA SER A 102 31.73 -23.31 0.89
C SER A 102 30.31 -23.84 0.98
N GLY A 103 29.76 -24.26 -0.17
CA GLY A 103 28.39 -24.75 -0.29
C GLY A 103 27.39 -23.61 -0.47
N ILE A 104 27.88 -22.36 -0.60
CA ILE A 104 27.06 -21.14 -0.72
C ILE A 104 26.37 -20.96 -2.07
N ALA A 105 25.09 -20.61 -1.95
CA ALA A 105 24.18 -20.35 -3.04
C ALA A 105 23.69 -18.90 -2.94
N GLU A 106 24.02 -18.12 -3.98
CA GLU A 106 23.62 -16.74 -4.09
C GLU A 106 22.56 -16.50 -5.12
N PHE A 107 21.46 -15.86 -4.72
CA PHE A 107 20.35 -15.47 -5.61
C PHE A 107 20.29 -13.94 -5.67
N TRP A 108 20.19 -13.43 -6.91
CA TRP A 108 20.07 -11.99 -7.20
C TRP A 108 18.85 -11.78 -8.11
N ILE A 109 17.80 -11.18 -7.54
CA ILE A 109 16.54 -10.88 -8.23
C ILE A 109 16.47 -9.37 -8.45
N ASN A 110 16.46 -8.96 -9.72
CA ASN A 110 16.44 -7.57 -10.21
C ASN A 110 17.62 -6.70 -9.73
N GLY A 111 18.77 -7.38 -9.64
CA GLY A 111 20.05 -6.80 -9.20
C GLY A 111 20.19 -6.58 -7.69
N THR A 112 19.26 -7.18 -6.93
CA THR A 112 19.13 -7.11 -5.49
C THR A 112 19.53 -8.49 -4.89
N PRO A 113 20.51 -8.52 -3.91
CA PRO A 113 20.92 -9.80 -3.30
C PRO A 113 19.98 -10.29 -2.19
N LEU A 114 19.65 -11.57 -2.29
CA LEU A 114 18.79 -12.30 -1.35
C LEU A 114 19.71 -12.91 -0.32
N VAL A 115 19.14 -13.44 0.77
CA VAL A 115 19.88 -14.08 1.88
C VAL A 115 20.56 -15.39 1.36
N LYS A 116 21.87 -15.49 1.60
CA LYS A 116 22.73 -16.62 1.24
C LYS A 116 22.43 -17.82 2.10
N LYS A 117 22.28 -18.93 1.39
CA LYS A 117 22.00 -20.25 1.95
C LYS A 117 23.07 -21.21 1.47
N GLY A 118 23.18 -22.34 2.15
CA GLY A 118 24.17 -23.33 1.80
C GLY A 118 23.62 -24.72 1.83
N LEU A 119 24.18 -25.48 0.89
CA LEU A 119 23.86 -26.88 0.63
C LEU A 119 25.01 -27.52 -0.14
N ARG A 120 25.09 -28.84 0.03
CA ARG A 120 26.03 -29.76 -0.64
C ARG A 120 27.52 -29.37 -0.81
N GLN A 121 28.13 -28.97 0.31
CA GLN A 121 29.55 -28.60 0.38
C GLN A 121 30.44 -29.83 0.08
N GLY A 122 31.35 -29.62 -0.87
CA GLY A 122 32.29 -30.61 -1.35
C GLY A 122 31.77 -31.45 -2.51
N TYR A 123 30.55 -31.15 -2.98
CA TYR A 123 29.89 -31.87 -4.09
C TYR A 123 30.25 -31.31 -5.45
N PHE A 124 30.17 -32.19 -6.44
CA PHE A 124 30.42 -31.84 -7.84
C PHE A 124 29.16 -32.18 -8.59
N VAL A 125 28.62 -31.17 -9.28
CA VAL A 125 27.44 -31.35 -10.12
C VAL A 125 27.96 -32.01 -11.45
N GLU A 126 27.47 -33.23 -11.74
CA GLU A 126 27.87 -34.02 -12.93
C GLU A 126 27.71 -33.43 -14.34
N ALA A 127 28.63 -33.90 -15.20
CA ALA A 127 28.77 -33.57 -16.62
C ALA A 127 27.79 -34.41 -17.47
N GLN A 128 27.80 -34.19 -18.80
CA GLN A 128 26.93 -34.84 -19.83
C GLN A 128 25.41 -34.67 -19.45
N PRO A 129 24.93 -33.39 -19.36
CA PRO A 129 23.52 -33.17 -18.98
C PRO A 129 22.49 -33.03 -20.08
N LYS A 130 21.24 -33.21 -19.68
CA LYS A 130 20.08 -32.97 -20.53
C LYS A 130 19.44 -31.72 -19.89
N ILE A 131 19.64 -30.58 -20.58
CA ILE A 131 19.16 -29.27 -20.14
C ILE A 131 17.91 -28.84 -20.87
N VAL A 132 16.80 -28.77 -20.14
CA VAL A 132 15.51 -28.35 -20.68
C VAL A 132 14.89 -27.12 -20.00
N LEU A 133 14.29 -26.29 -20.86
CA LEU A 133 13.56 -25.11 -20.46
C LEU A 133 12.12 -25.30 -20.93
N GLY A 134 11.18 -24.81 -20.11
CA GLY A 134 9.75 -24.92 -20.37
C GLY A 134 9.11 -26.09 -19.66
N GLN A 135 9.94 -27.11 -19.35
CA GLN A 135 9.56 -28.32 -18.63
C GLN A 135 10.58 -28.75 -17.55
N GLU A 136 10.06 -29.43 -16.51
CA GLU A 136 10.80 -30.05 -15.38
C GLU A 136 11.00 -31.52 -15.76
N GLN A 137 12.24 -31.98 -15.66
CA GLN A 137 12.58 -33.37 -15.97
C GLN A 137 12.56 -34.27 -14.74
N ASP A 138 11.98 -35.48 -14.87
CA ASP A 138 11.98 -36.51 -13.81
C ASP A 138 12.73 -37.78 -14.27
N SER A 139 13.49 -37.61 -15.36
CA SER A 139 14.39 -38.59 -15.98
C SER A 139 15.43 -37.81 -16.82
N TYR A 140 16.23 -38.56 -17.59
CA TYR A 140 17.25 -38.02 -18.49
C TYR A 140 16.59 -37.58 -19.82
N GLY A 141 16.14 -36.33 -19.81
CA GLY A 141 15.50 -35.68 -20.95
C GLY A 141 14.00 -35.73 -21.05
N GLY A 142 13.34 -36.49 -20.18
CA GLY A 142 11.89 -36.64 -20.22
C GLY A 142 11.21 -36.65 -18.88
N LYS A 143 10.10 -37.40 -18.82
CA LYS A 143 9.20 -37.57 -17.64
C LYS A 143 8.70 -36.22 -17.02
N PHE A 144 8.03 -35.47 -17.89
CA PHE A 144 7.51 -34.15 -17.58
C PHE A 144 6.17 -34.17 -16.84
N ASP A 145 5.87 -33.02 -16.24
CA ASP A 145 4.65 -32.76 -15.47
C ASP A 145 4.07 -31.40 -15.88
N ARG A 146 2.79 -31.41 -16.27
CA ARG A 146 1.98 -30.24 -16.71
C ARG A 146 1.87 -29.13 -15.65
N SER A 147 1.82 -29.56 -14.38
CA SER A 147 1.69 -28.71 -13.18
C SER A 147 2.96 -27.94 -12.81
N GLN A 148 4.08 -28.42 -13.36
CA GLN A 148 5.39 -27.83 -13.18
C GLN A 148 5.89 -27.11 -14.45
N SER A 149 5.06 -27.04 -15.50
CA SER A 149 5.38 -26.40 -16.79
C SER A 149 5.44 -24.87 -16.75
N PHE A 150 6.36 -24.32 -17.53
CA PHE A 150 6.53 -22.87 -17.64
C PHE A 150 5.79 -22.42 -18.89
N VAL A 151 4.89 -21.46 -18.66
CA VAL A 151 4.16 -20.78 -19.71
C VAL A 151 4.55 -19.34 -19.48
N GLY A 152 5.16 -18.83 -20.53
CA GLY A 152 5.64 -17.47 -20.54
C GLY A 152 6.77 -17.25 -21.48
N GLU A 153 7.60 -16.25 -21.14
CA GLU A 153 8.74 -15.81 -21.95
C GLU A 153 10.08 -15.87 -21.24
N ILE A 154 11.06 -16.49 -21.91
CA ILE A 154 12.43 -16.63 -21.39
C ILE A 154 13.47 -15.99 -22.31
N GLY A 155 14.36 -15.21 -21.69
CA GLY A 155 15.39 -14.51 -22.41
C GLY A 155 16.68 -14.28 -21.68
N ASP A 156 17.71 -13.79 -22.41
CA ASP A 156 19.05 -13.44 -21.89
C ASP A 156 19.79 -14.48 -21.05
N LEU A 157 19.68 -15.73 -21.48
CA LEU A 157 20.34 -16.84 -20.79
C LEU A 157 21.84 -17.01 -21.04
N TYR A 158 22.57 -16.83 -19.93
CA TYR A 158 24.01 -16.97 -19.86
C TYR A 158 24.42 -17.81 -18.65
N MET A 159 25.40 -18.69 -18.84
CA MET A 159 25.96 -19.57 -17.79
C MET A 159 27.46 -19.62 -17.90
N TRP A 160 28.09 -19.36 -16.75
CA TRP A 160 29.55 -19.32 -16.53
C TRP A 160 29.98 -20.41 -15.59
N ASP A 161 31.27 -20.79 -15.63
CA ASP A 161 31.86 -21.86 -14.78
C ASP A 161 32.57 -21.34 -13.51
N SER A 162 32.24 -20.09 -13.20
CA SER A 162 32.77 -19.39 -12.03
C SER A 162 31.65 -18.65 -11.32
N VAL A 163 31.97 -18.22 -10.09
CA VAL A 163 31.10 -17.44 -9.19
C VAL A 163 31.40 -15.98 -9.58
N LEU A 164 30.38 -15.33 -10.12
CA LEU A 164 30.45 -13.97 -10.58
C LEU A 164 30.43 -12.94 -9.47
N PRO A 165 31.34 -11.91 -9.50
CA PRO A 165 31.39 -10.84 -8.48
C PRO A 165 30.13 -9.89 -8.62
N PRO A 166 29.69 -9.14 -7.53
CA PRO A 166 28.52 -8.22 -7.60
C PRO A 166 28.36 -7.28 -8.83
N GLU A 167 29.52 -6.73 -9.27
CA GLU A 167 29.72 -5.81 -10.44
C GLU A 167 29.29 -6.42 -11.80
N ASN A 168 29.60 -7.72 -11.94
CA ASN A 168 29.34 -8.52 -13.12
C ASN A 168 27.90 -8.99 -13.23
N ILE A 169 27.26 -9.20 -12.07
CA ILE A 169 25.84 -9.59 -11.94
C ILE A 169 24.99 -8.39 -12.37
N LEU A 170 25.42 -7.18 -11.96
CA LEU A 170 24.74 -5.92 -12.31
C LEU A 170 24.91 -5.55 -13.76
N SER A 171 26.04 -6.01 -14.35
CA SER A 171 26.35 -5.82 -15.78
C SER A 171 25.43 -6.68 -16.66
N ALA A 172 25.06 -7.85 -16.12
CA ALA A 172 24.13 -8.81 -16.69
C ALA A 172 22.67 -8.26 -16.61
N TYR A 173 22.35 -7.66 -15.47
CA TYR A 173 21.05 -6.98 -15.16
C TYR A 173 20.82 -5.78 -16.08
N GLN A 174 21.90 -5.01 -16.28
CA GLN A 174 21.90 -3.80 -17.14
C GLN A 174 21.86 -4.11 -18.65
N GLY A 175 22.07 -5.40 -18.98
CA GLY A 175 22.02 -5.88 -20.34
C GLY A 175 23.31 -5.92 -21.11
N THR A 176 24.45 -5.84 -20.42
CA THR A 176 25.84 -5.87 -21.00
C THR A 176 26.69 -6.93 -20.21
N PRO A 177 26.35 -8.28 -20.30
CA PRO A 177 27.16 -9.26 -19.55
C PRO A 177 28.52 -9.55 -20.17
N LEU A 178 29.41 -10.04 -19.30
CA LEU A 178 30.77 -10.49 -19.62
C LEU A 178 30.68 -11.86 -20.37
N PRO A 179 31.70 -12.24 -21.23
CA PRO A 179 31.69 -13.52 -21.96
C PRO A 179 31.42 -14.79 -21.13
N ALA A 180 30.38 -15.51 -21.56
CA ALA A 180 29.92 -16.75 -20.93
C ALA A 180 30.40 -17.96 -21.68
N ASN A 181 30.98 -18.91 -20.93
CA ASN A 181 31.57 -20.14 -21.44
C ASN A 181 30.77 -21.43 -21.43
N ILE A 182 29.73 -21.58 -20.58
CA ILE A 182 28.89 -22.81 -20.59
C ILE A 182 27.76 -22.56 -21.58
N LEU A 183 27.01 -21.49 -21.34
CA LEU A 183 25.95 -21.07 -22.21
C LEU A 183 26.01 -19.60 -22.44
N ASP A 184 25.81 -19.25 -23.70
CA ASP A 184 25.88 -17.89 -24.18
C ASP A 184 24.68 -17.70 -25.10
N TRP A 185 23.89 -16.66 -24.80
CA TRP A 185 22.70 -16.27 -25.58
C TRP A 185 23.02 -15.68 -26.95
N GLN A 186 24.29 -15.27 -27.11
CA GLN A 186 24.84 -14.74 -28.37
C GLN A 186 25.38 -15.82 -29.31
N ALA A 187 25.52 -17.05 -28.81
CA ALA A 187 26.03 -18.21 -29.55
C ALA A 187 25.37 -19.48 -28.96
N LEU A 188 24.03 -19.48 -28.98
CA LEU A 188 23.19 -20.57 -28.44
C LEU A 188 22.90 -21.74 -29.40
N ASN A 189 23.15 -22.95 -28.92
CA ASN A 189 22.89 -24.19 -29.62
C ASN A 189 21.66 -24.78 -28.90
N TYR A 190 20.53 -24.69 -29.60
CA TYR A 190 19.24 -25.16 -29.12
C TYR A 190 18.50 -26.16 -30.04
N GLU A 191 17.41 -26.70 -29.48
CA GLU A 191 16.50 -27.63 -30.13
C GLU A 191 15.07 -27.31 -29.59
N ILE A 192 14.11 -26.95 -30.47
CA ILE A 192 12.68 -26.69 -30.11
C ILE A 192 11.95 -28.00 -30.45
N ARG A 193 11.13 -28.51 -29.52
CA ARG A 193 10.43 -29.79 -29.72
C ARG A 193 8.91 -29.84 -29.90
N GLY A 194 8.25 -28.72 -29.58
CA GLY A 194 6.81 -28.59 -29.72
C GLY A 194 6.49 -27.17 -30.14
N TYR A 195 5.52 -26.58 -29.43
CA TYR A 195 5.05 -25.22 -29.66
C TYR A 195 5.81 -24.20 -28.78
N VAL A 196 6.91 -23.71 -29.35
CA VAL A 196 7.75 -22.67 -28.80
C VAL A 196 8.21 -21.78 -29.96
N ILE A 197 7.82 -20.51 -29.83
CA ILE A 197 8.02 -19.43 -30.80
C ILE A 197 9.08 -18.42 -30.36
N ILE A 198 9.87 -17.95 -31.33
CA ILE A 198 10.91 -16.92 -31.17
C ILE A 198 10.28 -15.59 -31.64
N LYS A 199 10.27 -14.64 -30.71
CA LYS A 199 9.71 -13.31 -30.91
C LYS A 199 10.67 -12.25 -30.33
N PRO A 200 10.58 -10.91 -30.75
CA PRO A 200 11.49 -9.90 -30.14
C PRO A 200 11.17 -9.63 -28.68
N LEU A 201 12.21 -9.35 -27.88
CA LEU A 201 12.14 -8.98 -26.44
C LEU A 201 11.66 -7.49 -26.34
N VAL A 202 10.38 -7.35 -25.97
CA VAL A 202 9.68 -6.05 -25.90
C VAL A 202 9.51 -5.46 -24.49
N TRP A 203 9.83 -6.29 -23.49
CA TRP A 203 9.65 -5.96 -22.09
C TRP A 203 10.83 -5.50 -21.20
N VAL A 204 11.98 -5.19 -21.85
CA VAL A 204 13.17 -4.67 -21.14
C VAL A 204 13.31 -3.13 -21.32
N HIS B 1 9.83 25.76 39.15
CA HIS B 1 9.59 25.55 37.68
C HIS B 1 10.88 25.23 36.95
N THR B 2 10.78 24.36 35.94
CA THR B 2 11.91 23.86 35.11
C THR B 2 11.67 24.07 33.61
N ASP B 3 12.79 24.27 32.90
CA ASP B 3 12.83 24.39 31.45
C ASP B 3 13.10 22.97 30.95
N LEU B 4 12.07 22.39 30.37
CA LEU B 4 12.15 21.04 29.84
C LEU B 4 12.31 20.97 28.32
N SER B 5 12.80 22.07 27.73
CA SER B 5 13.08 22.20 26.28
C SER B 5 14.15 21.21 25.83
N GLY B 6 13.71 20.45 24.82
CA GLY B 6 14.48 19.39 24.17
C GLY B 6 14.51 18.13 25.00
N LYS B 7 13.60 18.03 25.98
CA LYS B 7 13.48 16.88 26.88
C LYS B 7 12.11 16.27 26.85
N VAL B 8 12.06 15.05 27.36
CA VAL B 8 10.87 14.19 27.38
C VAL B 8 10.72 13.47 28.74
N PHE B 9 9.47 13.11 29.10
CA PHE B 9 9.17 12.28 30.28
C PHE B 9 8.99 10.94 29.62
N VAL B 10 9.70 9.95 30.14
CA VAL B 10 9.61 8.60 29.67
C VAL B 10 9.04 7.76 30.79
N PHE B 11 7.88 7.16 30.48
CA PHE B 11 7.07 6.24 31.29
C PHE B 11 7.57 4.91 30.64
N PRO B 12 8.61 4.27 31.27
CA PRO B 12 9.19 3.05 30.72
C PRO B 12 8.58 1.67 30.81
N ARG B 13 7.50 1.51 31.58
CA ARG B 13 6.81 0.22 31.81
C ARG B 13 5.31 0.44 32.08
N GLU B 14 4.55 -0.65 32.09
CA GLU B 14 3.14 -0.62 32.42
C GLU B 14 3.07 -0.81 33.97
N SER B 15 2.24 0.02 34.62
CA SER B 15 2.00 0.05 36.07
C SER B 15 0.67 0.75 36.38
N VAL B 16 0.32 0.74 37.66
CA VAL B 16 -0.87 1.40 38.22
C VAL B 16 -0.32 2.50 39.21
N THR B 17 0.98 2.75 39.46
CA THR B 17 1.78 3.78 40.27
C THR B 17 2.43 4.81 39.56
N ASP B 18 3.24 4.63 38.49
CA ASP B 18 4.04 5.69 37.83
C ASP B 18 3.25 6.77 37.12
N HIS B 19 3.42 8.01 37.61
CA HIS B 19 2.77 9.22 37.10
C HIS B 19 3.48 10.53 37.40
N VAL B 20 3.12 11.55 36.62
CA VAL B 20 3.59 12.91 36.86
C VAL B 20 2.42 13.82 37.18
N ASN B 21 2.49 14.52 38.31
CA ASN B 21 1.48 15.53 38.69
C ASN B 21 1.96 16.87 38.21
N LEU B 22 1.03 17.61 37.61
CA LEU B 22 1.29 18.94 37.08
C LEU B 22 0.46 19.94 37.82
N ILE B 23 1.19 20.90 38.38
CA ILE B 23 0.66 21.98 39.24
C ILE B 23 0.47 23.31 38.49
N THR B 24 -0.78 23.85 38.54
CA THR B 24 -1.05 25.08 37.90
C THR B 24 -1.93 26.02 38.80
N PRO B 25 -1.50 27.27 39.02
CA PRO B 25 -2.16 28.14 39.95
C PRO B 25 -3.39 28.80 39.33
N LEU B 26 -4.26 27.94 38.75
CA LEU B 26 -5.61 28.41 38.36
C LEU B 26 -6.65 27.86 39.23
N GLU B 27 -7.48 28.75 39.73
CA GLU B 27 -8.75 28.35 40.24
C GLU B 27 -9.83 29.28 39.70
N LYS B 28 -9.59 29.63 38.40
CA LYS B 28 -10.95 30.24 37.81
C LYS B 28 -11.50 29.42 36.93
N PRO B 29 -12.78 28.93 36.74
CA PRO B 29 -13.09 27.87 35.75
C PRO B 29 -12.96 28.19 34.23
N LEU B 30 -12.55 27.17 33.48
CA LEU B 30 -12.30 27.21 32.02
C LEU B 30 -13.50 27.19 31.09
N GLN B 31 -13.52 28.23 30.24
CA GLN B 31 -14.52 28.48 29.21
C GLN B 31 -13.91 27.96 27.88
N ASN B 32 -12.72 28.49 27.57
CA ASN B 32 -11.93 28.19 26.36
C ASN B 32 -10.56 27.65 26.73
N PHE B 33 -10.05 26.75 25.89
CA PHE B 33 -8.68 26.19 25.99
C PHE B 33 -8.13 25.59 24.67
N THR B 34 -6.81 25.42 24.65
CA THR B 34 -6.02 24.71 23.63
C THR B 34 -4.97 23.96 24.48
N LEU B 35 -4.66 22.74 24.05
CA LEU B 35 -3.72 21.84 24.69
C LEU B 35 -2.95 21.11 23.59
N CYS B 36 -1.64 21.41 23.53
CA CYS B 36 -0.68 20.83 22.58
C CYS B 36 0.39 20.04 23.28
N PHE B 37 0.74 18.89 22.68
CA PHE B 37 1.80 17.95 23.10
C PHE B 37 2.27 17.00 21.99
N ARG B 38 3.40 16.35 22.28
CA ARG B 38 4.07 15.35 21.47
C ARG B 38 4.03 14.02 22.27
N ALA B 39 3.64 12.93 21.59
CA ALA B 39 3.53 11.58 22.18
C ALA B 39 4.12 10.51 21.28
N TYR B 40 4.81 9.55 21.91
CA TYR B 40 5.43 8.39 21.26
C TYR B 40 5.26 7.13 22.09
N SER B 41 4.37 6.27 21.59
CA SER B 41 4.00 4.96 22.15
C SER B 41 3.86 3.85 21.09
N ASP B 42 4.22 2.61 21.45
CA ASP B 42 4.02 1.42 20.59
C ASP B 42 2.92 0.45 21.16
N LEU B 43 2.06 1.02 22.01
CA LEU B 43 0.91 0.36 22.65
C LEU B 43 -0.26 0.34 21.64
N SER B 44 -0.84 -0.85 21.45
CA SER B 44 -1.99 -1.03 20.55
C SER B 44 -3.34 -1.02 21.28
N ARG B 45 -3.32 -1.04 22.62
CA ARG B 45 -4.52 -0.95 23.47
C ARG B 45 -4.84 0.52 23.74
N ALA B 46 -5.97 0.76 24.43
CA ALA B 46 -6.45 2.09 24.85
C ALA B 46 -5.62 2.64 26.04
N TYR B 47 -5.40 3.94 26.01
CA TYR B 47 -4.66 4.68 27.06
C TYR B 47 -5.10 6.14 27.16
N SER B 48 -4.75 6.73 28.30
CA SER B 48 -4.98 8.13 28.60
C SER B 48 -3.71 8.93 28.28
N LEU B 49 -3.95 10.13 27.78
CA LEU B 49 -2.90 11.06 27.41
C LEU B 49 -2.82 12.21 28.37
N PHE B 50 -3.98 12.75 28.72
CA PHE B 50 -4.12 13.90 29.64
C PHE B 50 -5.37 13.61 30.49
N SER B 51 -5.20 13.53 31.82
CA SER B 51 -6.26 13.31 32.82
C SER B 51 -6.33 14.50 33.76
N TYR B 52 -7.49 15.14 33.79
CA TYR B 52 -7.82 16.31 34.60
C TYR B 52 -9.17 15.91 35.22
N ASN B 53 -9.16 15.89 36.55
CA ASN B 53 -10.31 15.59 37.43
C ASN B 53 -10.40 16.64 38.52
N THR B 54 -11.62 17.09 38.80
CA THR B 54 -11.86 18.03 39.90
C THR B 54 -12.60 17.27 41.00
N GLN B 55 -12.62 17.88 42.20
CA GLN B 55 -13.25 17.38 43.45
C GLN B 55 -14.67 16.76 43.31
N GLY B 56 -14.66 15.43 43.20
CA GLY B 56 -15.84 14.57 42.98
C GLY B 56 -16.42 14.65 41.55
N ARG B 57 -15.52 15.00 40.61
CA ARG B 57 -15.80 15.21 39.19
C ARG B 57 -14.74 14.53 38.27
N ASP B 58 -15.04 13.26 37.94
CA ASP B 58 -14.23 12.34 37.09
C ASP B 58 -14.48 12.64 35.61
N ASN B 59 -13.42 12.58 34.79
CA ASN B 59 -13.40 12.80 33.31
C ASN B 59 -13.89 14.19 32.90
N GLU B 60 -13.43 15.16 33.70
CA GLU B 60 -13.74 16.58 33.55
C GLU B 60 -13.12 17.16 32.28
N LEU B 61 -11.89 16.70 32.02
CA LEU B 61 -11.09 16.99 30.85
C LEU B 61 -10.13 15.83 30.65
N LEU B 62 -10.49 14.99 29.69
CA LEU B 62 -9.69 13.81 29.33
C LEU B 62 -9.41 13.62 27.83
N VAL B 63 -8.12 13.49 27.49
CA VAL B 63 -7.64 13.20 26.11
C VAL B 63 -7.28 11.72 26.21
N TYR B 64 -8.05 10.93 25.46
CA TYR B 64 -7.99 9.47 25.44
C TYR B 64 -7.79 8.92 24.05
N LYS B 65 -6.87 7.97 23.89
CA LYS B 65 -6.69 7.32 22.59
C LYS B 65 -7.39 5.95 22.68
N GLU B 66 -8.39 5.75 21.79
CA GLU B 66 -9.18 4.51 21.74
C GLU B 66 -8.46 3.29 21.16
N ARG B 67 -7.88 3.54 19.99
CA ARG B 67 -7.14 2.61 19.14
C ARG B 67 -6.36 3.49 18.16
N VAL B 68 -5.68 2.88 17.17
CA VAL B 68 -4.92 3.59 16.10
C VAL B 68 -5.94 4.38 15.25
N GLY B 69 -5.68 5.69 15.12
CA GLY B 69 -6.52 6.59 14.33
C GLY B 69 -7.64 7.29 15.04
N GLU B 70 -8.08 6.76 16.18
CA GLU B 70 -9.19 7.28 16.97
C GLU B 70 -8.77 7.97 18.25
N TYR B 71 -9.19 9.24 18.31
CA TYR B 71 -8.93 10.17 19.40
C TYR B 71 -10.21 10.66 20.05
N SER B 72 -10.20 10.65 21.37
CA SER B 72 -11.33 11.10 22.19
C SER B 72 -11.04 12.20 23.20
N LEU B 73 -12.01 13.11 23.30
CA LEU B 73 -12.00 14.23 24.24
C LEU B 73 -13.27 14.10 25.07
N TYR B 74 -13.04 14.14 26.38
CA TYR B 74 -14.07 14.14 27.39
C TYR B 74 -14.13 15.51 28.01
N ILE B 75 -15.32 16.11 27.98
CA ILE B 75 -15.60 17.40 28.65
C ILE B 75 -16.79 17.01 29.56
N GLY B 76 -16.56 17.03 30.88
CA GLY B 76 -17.54 16.73 31.93
C GLY B 76 -18.41 15.48 31.82
N ARG B 77 -17.76 14.30 31.70
CA ARG B 77 -18.32 12.92 31.57
C ARG B 77 -18.77 12.57 30.10
N HIS B 78 -18.97 13.61 29.29
CA HIS B 78 -19.42 13.49 27.91
C HIS B 78 -18.24 13.39 26.97
N LYS B 79 -18.29 12.43 26.04
CA LYS B 79 -17.21 12.20 25.08
C LYS B 79 -17.54 12.60 23.63
N VAL B 80 -16.47 12.78 22.86
CA VAL B 80 -16.50 13.13 21.45
C VAL B 80 -15.28 12.44 20.83
N THR B 81 -15.52 11.68 19.74
CA THR B 81 -14.50 10.92 19.00
C THR B 81 -14.39 11.30 17.50
N SER B 82 -13.13 11.53 17.08
CA SER B 82 -12.74 11.85 15.71
C SER B 82 -11.63 10.93 15.22
N LYS B 83 -11.69 10.60 13.91
CA LYS B 83 -10.77 9.69 13.22
C LYS B 83 -9.71 10.35 12.34
N VAL B 84 -8.60 9.65 12.11
CA VAL B 84 -7.45 10.10 11.26
C VAL B 84 -6.69 8.90 10.68
N ILE B 85 -5.99 9.14 9.56
CA ILE B 85 -5.12 8.15 8.94
C ILE B 85 -3.74 8.37 9.61
N GLU B 86 -3.25 7.33 10.28
CA GLU B 86 -1.92 7.36 10.90
C GLU B 86 -1.19 6.03 10.85
N LYS B 87 0.14 6.15 10.92
CA LYS B 87 1.08 5.02 10.95
C LYS B 87 1.29 4.56 12.39
N PHE B 88 1.37 3.24 12.53
CA PHE B 88 1.59 2.57 13.79
C PHE B 88 2.83 1.64 13.68
N PRO B 89 3.92 1.87 14.48
CA PRO B 89 4.11 2.93 15.48
C PRO B 89 4.81 4.15 14.88
N ALA B 90 4.43 5.33 15.38
CA ALA B 90 4.96 6.61 14.89
C ALA B 90 4.80 7.77 15.87
N PRO B 91 5.73 8.79 15.83
CA PRO B 91 5.62 9.99 16.71
C PRO B 91 4.42 10.82 16.20
N VAL B 92 3.68 11.41 17.16
CA VAL B 92 2.52 12.24 16.90
C VAL B 92 2.53 13.53 17.72
N HIS B 93 2.07 14.62 17.08
CA HIS B 93 1.88 15.92 17.69
C HIS B 93 0.36 16.09 17.68
N ILE B 94 -0.18 16.28 18.89
CA ILE B 94 -1.62 16.44 19.14
C ILE B 94 -1.89 17.83 19.71
N CYS B 95 -2.92 18.44 19.16
CA CYS B 95 -3.49 19.71 19.57
C CYS B 95 -4.98 19.42 19.67
N VAL B 96 -5.57 19.88 20.76
CA VAL B 96 -6.97 19.76 21.05
C VAL B 96 -7.43 21.07 21.67
N SER B 97 -8.53 21.60 21.14
CA SER B 97 -9.14 22.83 21.63
C SER B 97 -10.62 22.69 21.87
N TRP B 98 -11.16 23.45 22.84
CA TRP B 98 -12.60 23.47 23.13
C TRP B 98 -13.02 24.85 23.54
N GLU B 99 -14.25 25.18 23.14
CA GLU B 99 -14.91 26.48 23.32
C GLU B 99 -16.31 26.22 23.86
N SER B 100 -16.65 26.87 24.98
CA SER B 100 -17.94 26.75 25.67
C SER B 100 -19.17 27.29 24.95
N SER B 101 -19.02 28.43 24.27
CA SER B 101 -20.08 29.16 23.54
C SER B 101 -20.77 28.38 22.42
N SER B 102 -19.94 27.67 21.65
CA SER B 102 -20.37 26.84 20.52
C SER B 102 -20.42 25.36 20.83
N GLY B 103 -19.59 24.93 21.81
CA GLY B 103 -19.45 23.53 22.20
C GLY B 103 -18.46 22.77 21.30
N ILE B 104 -17.81 23.47 20.36
CA ILE B 104 -16.88 22.90 19.38
C ILE B 104 -15.52 22.47 19.94
N ALA B 105 -15.15 21.26 19.51
CA ALA B 105 -13.93 20.58 19.86
C ALA B 105 -13.12 20.33 18.58
N GLU B 106 -11.94 20.93 18.53
CA GLU B 106 -11.01 20.79 17.41
C GLU B 106 -9.82 19.96 17.75
N PHE B 107 -9.56 18.93 16.95
CA PHE B 107 -8.38 18.05 17.05
C PHE B 107 -7.50 18.26 15.81
N TRP B 108 -6.19 18.44 16.07
CA TRP B 108 -5.16 18.61 15.04
C TRP B 108 -4.03 17.59 15.30
N ILE B 109 -3.95 16.56 14.43
CA ILE B 109 -2.95 15.50 14.50
C ILE B 109 -1.96 15.72 13.37
N ASN B 110 -0.70 15.98 13.74
CA ASN B 110 0.44 16.26 12.85
C ASN B 110 0.28 17.47 11.92
N GLY B 111 -0.43 18.47 12.49
CA GLY B 111 -0.75 19.74 11.83
C GLY B 111 -1.90 19.68 10.82
N THR B 112 -2.63 18.56 10.85
CA THR B 112 -3.75 18.22 9.99
C THR B 112 -5.06 18.30 10.82
N PRO B 113 -6.09 19.08 10.35
CA PRO B 113 -7.36 19.18 11.09
C PRO B 113 -8.32 18.00 10.82
N LEU B 114 -8.85 17.49 11.93
CA LEU B 114 -9.82 16.40 11.97
C LEU B 114 -11.20 17.02 11.95
N VAL B 115 -12.24 16.22 11.75
CA VAL B 115 -13.65 16.66 11.71
C VAL B 115 -14.08 17.18 13.12
N LYS B 116 -14.60 18.41 13.13
CA LYS B 116 -15.11 19.11 14.32
C LYS B 116 -16.39 18.49 14.82
N LYS B 117 -16.36 18.27 16.14
CA LYS B 117 -17.46 17.70 16.90
C LYS B 117 -17.82 18.66 18.01
N GLY B 118 -19.00 18.48 18.58
CA GLY B 118 -19.47 19.32 19.64
C GLY B 118 -20.11 18.56 20.75
N LEU B 119 -19.87 19.12 21.94
CA LEU B 119 -20.34 18.62 23.23
C LEU B 119 -20.30 19.77 24.24
N ARG B 120 -21.16 19.60 25.25
CA ARG B 120 -21.32 20.46 26.42
C ARG B 120 -21.30 22.01 26.28
N GLN B 121 -22.14 22.49 25.36
CA GLN B 121 -22.30 23.93 25.09
C GLN B 121 -22.91 24.65 26.31
N GLY B 122 -22.22 25.71 26.72
CA GLY B 122 -22.56 26.54 27.85
C GLY B 122 -21.95 26.07 29.16
N TYR B 123 -21.14 25.01 29.12
CA TYR B 123 -20.48 24.41 30.29
C TYR B 123 -19.15 25.07 30.61
N PHE B 124 -18.78 25.01 31.88
CA PHE B 124 -17.50 25.53 32.39
C PHE B 124 -16.79 24.35 33.02
N VAL B 125 -15.58 24.10 32.54
CA VAL B 125 -14.72 23.05 33.09
C VAL B 125 -14.11 23.65 34.40
N GLU B 126 -14.42 23.03 35.55
CA GLU B 126 -13.96 23.47 36.89
C GLU B 126 -12.45 23.64 37.18
N ALA B 127 -12.20 24.58 38.10
CA ALA B 127 -10.92 25.00 38.68
C ALA B 127 -10.44 24.04 39.73
N GLN B 128 -9.24 24.30 40.30
CA GLN B 128 -8.62 23.52 41.42
C GLN B 128 -8.44 21.98 40.92
N PRO B 129 -7.72 21.72 39.79
CA PRO B 129 -7.60 20.32 39.33
C PRO B 129 -6.40 19.51 39.77
N LYS B 130 -6.55 18.19 39.64
CA LYS B 130 -5.47 17.24 39.85
C LYS B 130 -5.19 16.73 38.42
N ILE B 131 -4.07 17.21 37.87
CA ILE B 131 -3.61 16.89 36.51
C ILE B 131 -2.51 15.86 36.50
N VAL B 132 -2.83 14.67 35.98
CA VAL B 132 -1.88 13.58 35.87
C VAL B 132 -1.64 13.07 34.43
N LEU B 133 -0.36 12.75 34.20
CA LEU B 133 0.10 12.16 32.95
C LEU B 133 0.70 10.82 33.30
N GLY B 134 0.50 9.85 32.39
CA GLY B 134 0.98 8.47 32.55
C GLY B 134 -0.09 7.55 33.10
N GLN B 135 -1.08 8.14 33.80
CA GLN B 135 -2.22 7.45 34.39
C GLN B 135 -3.56 8.21 34.20
N GLU B 136 -4.66 7.44 34.16
CA GLU B 136 -6.07 7.88 34.09
C GLU B 136 -6.59 7.89 35.53
N GLN B 137 -7.20 9.01 35.92
CA GLN B 137 -7.76 9.16 37.27
C GLN B 137 -9.23 8.81 37.32
N ASP B 138 -9.64 8.06 38.37
CA ASP B 138 -11.06 7.72 38.63
C ASP B 138 -11.53 8.32 39.98
N SER B 139 -10.71 9.25 40.48
CA SER B 139 -10.93 10.06 41.69
C SER B 139 -10.06 11.34 41.57
N TYR B 140 -10.00 12.12 42.66
CA TYR B 140 -9.21 13.35 42.76
C TYR B 140 -7.74 12.97 43.11
N GLY B 141 -6.98 12.74 42.03
CA GLY B 141 -5.57 12.40 42.10
C GLY B 141 -5.17 10.94 42.13
N GLY B 142 -6.15 10.05 42.22
CA GLY B 142 -5.88 8.61 42.30
C GLY B 142 -6.83 7.74 41.54
N LYS B 143 -7.02 6.52 42.07
CA LYS B 143 -7.88 5.44 41.51
C LYS B 143 -7.56 5.08 40.01
N PHE B 144 -6.30 4.67 39.84
CA PHE B 144 -5.74 4.34 38.54
C PHE B 144 -6.05 2.93 38.08
N ASP B 145 -5.86 2.72 36.77
CA ASP B 145 -6.09 1.46 36.08
C ASP B 145 -4.90 1.18 35.14
N ARG B 146 -4.30 -0.02 35.31
CA ARG B 146 -3.11 -0.50 34.56
C ARG B 146 -3.39 -0.63 33.02
N SER B 147 -4.65 -0.94 32.67
CA SER B 147 -5.14 -1.12 31.29
C SER B 147 -5.32 0.19 30.51
N GLN B 148 -5.36 1.28 31.28
CA GLN B 148 -5.50 2.63 30.75
C GLN B 148 -4.18 3.43 30.88
N SER B 149 -3.10 2.79 31.38
CA SER B 149 -1.78 3.42 31.57
C SER B 149 -1.01 3.72 30.29
N PHE B 150 -0.27 4.83 30.31
CA PHE B 150 0.55 5.25 29.18
C PHE B 150 1.98 4.80 29.46
N VAL B 151 2.49 4.04 28.48
CA VAL B 151 3.87 3.61 28.47
C VAL B 151 4.37 4.18 27.16
N GLY B 152 5.36 5.03 27.36
CA GLY B 152 5.99 5.72 26.26
C GLY B 152 6.62 7.01 26.65
N GLU B 153 6.70 7.91 25.68
CA GLU B 153 7.35 9.23 25.81
C GLU B 153 6.43 10.42 25.54
N ILE B 154 6.44 11.38 26.47
CA ILE B 154 5.64 12.61 26.38
C ILE B 154 6.51 13.87 26.40
N GLY B 155 6.21 14.76 25.47
CA GLY B 155 6.95 16.00 25.34
C GLY B 155 6.19 17.18 24.80
N ASP B 156 6.81 18.37 24.86
CA ASP B 156 6.29 19.66 24.35
C ASP B 156 4.88 20.07 24.77
N LEU B 157 4.59 19.83 26.06
CA LEU B 157 3.29 20.18 26.62
C LEU B 157 3.07 21.66 26.98
N TYR B 158 2.10 22.22 26.25
CA TYR B 158 1.65 23.60 26.39
C TYR B 158 0.12 23.66 26.44
N MET B 159 -0.41 24.51 27.33
CA MET B 159 -1.86 24.73 27.51
C MET B 159 -2.12 26.22 27.69
N TRP B 160 -3.07 26.69 26.86
CA TRP B 160 -3.54 28.08 26.79
C TRP B 160 -4.99 28.17 27.18
N ASP B 161 -5.44 29.38 27.59
CA ASP B 161 -6.84 29.65 28.03
C ASP B 161 -7.75 30.22 26.93
N SER B 162 -7.27 30.06 25.70
CA SER B 162 -7.96 30.50 24.50
C SER B 162 -7.90 29.43 23.44
N VAL B 163 -8.74 29.61 22.41
CA VAL B 163 -8.87 28.76 21.22
C VAL B 163 -7.85 29.35 20.24
N LEU B 164 -6.83 28.54 19.96
CA LEU B 164 -5.74 28.91 19.08
C LEU B 164 -6.10 28.88 17.60
N PRO B 165 -5.72 29.94 16.82
CA PRO B 165 -6.00 30.01 15.36
C PRO B 165 -5.09 28.97 14.59
N PRO B 166 -5.49 28.48 13.34
CA PRO B 166 -4.68 27.50 12.56
C PRO B 166 -3.15 27.70 12.45
N GLU B 167 -2.74 28.99 12.30
CA GLU B 167 -1.35 29.52 12.20
C GLU B 167 -0.46 29.22 13.44
N ASN B 168 -1.11 29.32 14.61
CA ASN B 168 -0.51 29.12 15.92
C ASN B 168 -0.36 27.66 16.29
N ILE B 169 -1.28 26.81 15.79
CA ILE B 169 -1.28 25.35 15.97
C ILE B 169 -0.09 24.78 15.16
N LEU B 170 0.12 25.34 13.96
CA LEU B 170 1.22 24.94 13.07
C LEU B 170 2.56 25.40 13.58
N SER B 171 2.56 26.51 14.35
CA SER B 171 3.76 27.08 15.01
C SER B 171 4.22 26.16 16.16
N ALA B 172 3.23 25.53 16.81
CA ALA B 172 3.39 24.56 17.87
C ALA B 172 3.95 23.21 17.31
N TYR B 173 3.40 22.82 16.14
CA TYR B 173 3.79 21.62 15.36
C TYR B 173 5.24 21.73 14.86
N GLN B 174 5.58 22.94 14.38
CA GLN B 174 6.92 23.27 13.86
C GLN B 174 8.00 23.42 14.95
N GLY B 175 7.53 23.46 16.21
CA GLY B 175 8.39 23.55 17.37
C GLY B 175 8.72 24.92 17.89
N THR B 176 7.95 25.94 17.50
CA THR B 176 8.10 27.36 17.92
C THR B 176 6.71 27.90 18.41
N PRO B 177 6.14 27.37 19.54
CA PRO B 177 4.82 27.88 19.98
C PRO B 177 4.86 29.25 20.65
N LEU B 178 3.70 29.90 20.61
CA LEU B 178 3.43 31.19 21.23
C LEU B 178 3.32 31.00 22.78
N PRO B 179 3.60 32.06 23.63
CA PRO B 179 3.51 31.96 25.10
C PRO B 179 2.22 31.37 25.68
N ALA B 180 2.41 30.30 26.46
CA ALA B 180 1.34 29.56 27.12
C ALA B 180 1.20 29.93 28.56
N ASN B 181 -0.05 30.22 28.96
CA ASN B 181 -0.42 30.68 30.30
C ASN B 181 -0.93 29.69 31.32
N ILE B 182 -1.47 28.52 30.92
CA ILE B 182 -1.95 27.50 31.91
C ILE B 182 -0.75 26.60 32.19
N LEU B 183 -0.22 26.01 31.13
CA LEU B 183 0.95 25.16 31.21
C LEU B 183 1.91 25.51 30.12
N ASP B 184 3.17 25.57 30.52
CA ASP B 184 4.27 25.94 29.67
C ASP B 184 5.39 24.94 29.96
N TRP B 185 5.88 24.29 28.89
CA TRP B 185 6.98 23.31 28.93
C TRP B 185 8.35 23.94 29.23
N GLN B 186 8.42 25.27 29.04
CA GLN B 186 9.61 26.09 29.31
C GLN B 186 9.68 26.59 30.77
N ALA B 187 8.57 26.45 31.51
CA ALA B 187 8.46 26.86 32.93
C ALA B 187 7.44 25.92 33.61
N LEU B 188 7.75 24.62 33.55
CA LEU B 188 6.93 23.54 34.11
C LEU B 188 7.15 23.21 35.59
N ASN B 189 6.04 23.19 36.35
CA ASN B 189 6.01 22.83 37.77
C ASN B 189 5.39 21.43 37.79
N TYR B 190 6.25 20.46 38.04
CA TYR B 190 5.89 19.04 38.10
C TYR B 190 6.28 18.30 39.41
N GLU B 191 5.77 17.07 39.49
CA GLU B 191 6.00 16.12 40.56
C GLU B 191 6.06 14.71 39.93
N ILE B 192 7.17 13.96 40.09
CA ILE B 192 7.34 12.56 39.58
C ILE B 192 7.07 11.68 40.83
N ARG B 193 6.23 10.66 40.69
CA ARG B 193 5.86 9.79 41.83
C ARG B 193 6.31 8.34 41.90
N GLY B 194 6.79 7.83 40.75
CA GLY B 194 7.29 6.46 40.64
C GLY B 194 8.47 6.44 39.68
N TYR B 195 8.41 5.49 38.75
CA TYR B 195 9.44 5.29 37.72
C TYR B 195 9.09 6.06 36.43
N VAL B 196 9.58 7.30 36.40
CA VAL B 196 9.49 8.22 35.26
C VAL B 196 10.81 8.98 35.20
N ILE B 197 11.48 8.79 34.05
CA ILE B 197 12.81 9.32 33.71
C ILE B 197 12.75 10.44 32.68
N ILE B 198 13.61 11.45 32.88
CA ILE B 198 13.80 12.60 31.98
C ILE B 198 15.03 12.28 31.11
N LYS B 199 14.78 12.30 29.80
CA LYS B 199 15.78 11.98 28.78
C LYS B 199 15.66 13.00 27.61
N PRO B 200 16.73 13.20 26.74
CA PRO B 200 16.58 14.16 25.61
C PRO B 200 15.60 13.67 24.55
N LEU B 201 14.87 14.59 23.93
CA LEU B 201 13.90 14.36 22.82
C LEU B 201 14.73 14.12 21.52
N VAL B 202 14.78 12.84 21.12
CA VAL B 202 15.57 12.37 19.97
C VAL B 202 14.77 12.07 18.68
N TRP B 203 13.45 12.10 18.84
CA TRP B 203 12.51 11.76 17.77
C TRP B 203 11.77 12.85 16.96
N VAL B 204 12.21 14.12 17.12
CA VAL B 204 11.65 15.25 16.35
C VAL B 204 12.58 15.67 15.17
N HIS C 1 -20.56 7.45 -42.69
CA HIS C 1 -19.42 7.45 -41.72
C HIS C 1 -19.32 8.77 -40.97
N THR C 2 -18.92 8.68 -39.69
CA THR C 2 -18.80 9.82 -38.76
C THR C 2 -17.40 9.90 -38.12
N ASP C 3 -17.00 11.14 -37.82
CA ASP C 3 -15.87 11.60 -37.10
C ASP C 3 -16.18 11.55 -35.66
N LEU C 4 -15.75 10.55 -34.89
CA LEU C 4 -16.06 10.47 -33.48
C LEU C 4 -14.90 10.88 -32.57
N SER C 5 -13.96 11.66 -33.13
CA SER C 5 -12.79 12.34 -32.54
C SER C 5 -13.21 13.14 -31.29
N GLY C 6 -12.67 12.76 -30.12
CA GLY C 6 -12.89 13.42 -28.85
C GLY C 6 -14.23 13.08 -28.25
N LYS C 7 -14.85 12.00 -28.76
CA LYS C 7 -16.17 11.53 -28.31
C LYS C 7 -16.12 10.09 -27.86
N VAL C 8 -17.18 9.73 -27.13
CA VAL C 8 -17.35 8.42 -26.50
C VAL C 8 -18.79 7.89 -26.67
N PHE C 9 -18.97 6.57 -26.63
CA PHE C 9 -20.28 5.92 -26.62
C PHE C 9 -20.42 5.61 -25.15
N VAL C 10 -21.54 6.03 -24.58
CA VAL C 10 -21.84 5.78 -23.19
C VAL C 10 -23.06 4.88 -23.16
N PHE C 11 -22.83 3.70 -22.55
CA PHE C 11 -23.78 2.61 -22.28
C PHE C 11 -24.08 2.97 -20.79
N PRO C 12 -25.17 3.74 -20.55
CA PRO C 12 -25.51 4.18 -19.20
C PRO C 12 -26.17 3.33 -18.13
N ARG C 13 -26.61 2.12 -18.48
CA ARG C 13 -27.31 1.17 -17.58
C ARG C 13 -27.04 -0.28 -17.99
N GLU C 14 -27.43 -1.22 -17.14
CA GLU C 14 -27.42 -2.62 -17.44
C GLU C 14 -28.69 -3.01 -18.14
N SER C 15 -28.56 -3.77 -19.23
CA SER C 15 -29.68 -4.26 -20.08
C SER C 15 -29.22 -5.47 -20.91
N VAL C 16 -30.19 -6.04 -21.62
CA VAL C 16 -30.01 -7.17 -22.54
C VAL C 16 -30.36 -6.61 -23.97
N THR C 17 -30.75 -5.37 -24.32
CA THR C 17 -31.18 -4.60 -25.48
C THR C 17 -30.11 -3.58 -25.93
N ASP C 18 -29.54 -2.66 -25.14
CA ASP C 18 -28.64 -1.56 -25.62
C ASP C 18 -27.30 -2.01 -26.17
N HIS C 19 -27.09 -1.71 -27.45
CA HIS C 19 -25.87 -2.03 -28.21
C HIS C 19 -25.60 -1.17 -29.43
N VAL C 20 -24.34 -1.19 -29.87
CA VAL C 20 -23.94 -0.52 -31.09
C VAL C 20 -23.42 -1.54 -32.10
N ASN C 21 -23.99 -1.55 -33.30
CA ASN C 21 -23.52 -2.40 -34.41
C ASN C 21 -22.53 -1.62 -35.24
N LEU C 22 -21.43 -2.27 -35.56
CA LEU C 22 -20.37 -1.69 -36.35
C LEU C 22 -20.24 -2.44 -37.64
N ILE C 23 -20.36 -1.65 -38.71
CA ILE C 23 -20.35 -2.07 -40.10
C ILE C 23 -18.97 -1.85 -40.75
N THR C 24 -18.42 -2.95 -41.28
CA THR C 24 -17.15 -2.99 -42.00
C THR C 24 -17.33 -3.90 -43.25
N PRO C 25 -16.80 -3.47 -44.45
CA PRO C 25 -16.92 -4.30 -45.69
C PRO C 25 -15.85 -5.44 -45.82
N LEU C 26 -15.98 -6.44 -44.96
CA LEU C 26 -15.11 -7.63 -44.90
C LEU C 26 -15.59 -8.77 -45.80
N GLU C 27 -14.87 -8.93 -46.91
CA GLU C 27 -15.11 -9.96 -47.95
C GLU C 27 -14.22 -11.19 -47.76
N LYS C 28 -12.97 -10.92 -47.36
CA LYS C 28 -11.90 -11.88 -47.16
C LYS C 28 -11.56 -12.14 -45.67
N PRO C 29 -11.35 -13.43 -45.23
CA PRO C 29 -11.03 -13.75 -43.82
C PRO C 29 -9.66 -13.28 -43.24
N LEU C 30 -9.68 -12.95 -41.95
CA LEU C 30 -8.55 -12.45 -41.17
C LEU C 30 -7.49 -13.45 -40.69
N GLN C 31 -6.26 -13.12 -41.08
CA GLN C 31 -5.03 -13.86 -40.78
C GLN C 31 -4.38 -13.14 -39.58
N ASN C 32 -4.14 -11.84 -39.77
CA ASN C 32 -3.51 -10.92 -38.83
C ASN C 32 -4.42 -9.75 -38.51
N PHE C 33 -4.35 -9.27 -37.25
CA PHE C 33 -5.06 -8.07 -36.77
C PHE C 33 -4.45 -7.42 -35.52
N THR C 34 -4.85 -6.16 -35.28
CA THR C 34 -4.58 -5.34 -34.08
C THR C 34 -5.93 -4.61 -33.87
N LEU C 35 -6.31 -4.47 -32.61
CA LEU C 35 -7.53 -3.83 -32.16
C LEU C 35 -7.21 -3.02 -30.91
N CYS C 36 -7.32 -1.69 -31.04
CA CYS C 36 -7.09 -0.71 -29.99
C CYS C 36 -8.34 0.07 -29.65
N PHE C 37 -8.55 0.30 -28.35
CA PHE C 37 -9.65 1.09 -27.75
C PHE C 37 -9.36 1.57 -26.32
N ARG C 38 -10.21 2.49 -25.87
CA ARG C 38 -10.26 3.08 -24.56
C ARG C 38 -11.59 2.67 -23.89
N ALA C 39 -11.52 2.22 -22.64
CA ALA C 39 -12.68 1.77 -21.86
C ALA C 39 -12.66 2.30 -20.43
N TYR C 40 -13.85 2.68 -19.95
CA TYR C 40 -14.08 3.18 -18.59
C TYR C 40 -15.39 2.64 -18.01
N SER C 41 -15.21 1.71 -17.07
CA SER C 41 -16.27 1.01 -16.32
C SER C 41 -15.94 0.87 -14.82
N ASP C 42 -16.98 0.92 -13.97
CA ASP C 42 -16.86 0.67 -12.51
C ASP C 42 -17.57 -0.67 -12.09
N LEU C 43 -17.74 -1.55 -13.07
CA LEU C 43 -18.32 -2.89 -12.95
C LEU C 43 -17.24 -3.86 -12.43
N SER C 44 -17.56 -4.61 -11.37
CA SER C 44 -16.64 -5.59 -10.78
C SER C 44 -16.88 -7.02 -11.27
N ARG C 45 -17.99 -7.24 -12.00
CA ARG C 45 -18.28 -8.52 -12.59
C ARG C 45 -17.71 -8.63 -14.00
N ALA C 46 -17.86 -9.79 -14.64
CA ALA C 46 -17.39 -10.09 -16.00
C ALA C 46 -18.27 -9.40 -17.07
N TYR C 47 -17.61 -8.94 -18.14
CA TYR C 47 -18.25 -8.27 -19.28
C TYR C 47 -17.47 -8.45 -20.57
N SER C 48 -18.17 -8.20 -21.67
CA SER C 48 -17.61 -8.23 -23.02
C SER C 48 -17.24 -6.81 -23.43
N LEU C 49 -16.15 -6.73 -24.17
CA LEU C 49 -15.62 -5.48 -24.68
C LEU C 49 -15.82 -5.36 -26.15
N PHE C 50 -15.53 -6.45 -26.87
CA PHE C 50 -15.63 -6.53 -28.34
C PHE C 50 -16.17 -7.95 -28.63
N SER C 51 -17.34 -8.02 -29.30
CA SER C 51 -18.01 -9.27 -29.73
C SER C 51 -18.13 -9.28 -31.25
N TYR C 52 -17.52 -10.30 -31.86
CA TYR C 52 -17.49 -10.55 -33.30
C TYR C 52 -17.87 -12.04 -33.39
N ASN C 53 -18.97 -12.27 -34.10
CA ASN C 53 -19.55 -13.58 -34.40
C ASN C 53 -19.86 -13.67 -35.89
N THR C 54 -19.55 -14.83 -36.48
CA THR C 54 -19.89 -15.08 -37.88
C THR C 54 -21.00 -16.12 -37.91
N GLN C 55 -21.65 -16.23 -39.07
CA GLN C 55 -22.78 -17.16 -39.40
C GLN C 55 -22.64 -18.62 -38.89
N GLY C 56 -23.26 -18.84 -37.70
CA GLY C 56 -23.23 -20.10 -36.95
C GLY C 56 -21.89 -20.38 -36.25
N ARG C 57 -21.16 -19.29 -35.97
CA ARG C 57 -19.81 -19.25 -35.40
C ARG C 57 -19.71 -18.21 -34.24
N ASP C 58 -20.03 -18.67 -33.01
CA ASP C 58 -20.01 -17.91 -31.74
C ASP C 58 -18.61 -17.84 -31.18
N ASN C 59 -18.23 -16.68 -30.61
CA ASN C 59 -16.90 -16.36 -29.97
C ASN C 59 -15.72 -16.50 -30.92
N GLU C 60 -15.98 -16.02 -32.16
CA GLU C 60 -15.03 -16.04 -33.28
C GLU C 60 -13.85 -15.11 -33.01
N LEU C 61 -14.18 -13.96 -32.41
CA LEU C 61 -13.27 -12.91 -31.96
C LEU C 61 -13.95 -12.17 -30.84
N LEU C 62 -13.54 -12.51 -29.62
CA LEU C 62 -14.06 -11.88 -28.40
C LEU C 62 -13.01 -11.38 -27.40
N VAL C 63 -13.12 -10.09 -27.02
CA VAL C 63 -12.26 -9.44 -26.00
C VAL C 63 -13.22 -9.38 -24.80
N TYR C 64 -12.84 -10.14 -23.77
CA TYR C 64 -13.60 -10.35 -22.55
C TYR C 64 -12.81 -10.01 -21.30
N LYS C 65 -13.41 -9.26 -20.38
CA LYS C 65 -12.74 -8.98 -19.10
C LYS C 65 -13.35 -9.92 -18.06
N GLU C 66 -12.50 -10.76 -17.46
CA GLU C 66 -12.92 -11.75 -16.44
C GLU C 66 -13.26 -11.16 -15.07
N ARG C 67 -12.32 -10.37 -14.59
CA ARG C 67 -12.29 -9.65 -13.30
C ARG C 67 -11.24 -8.58 -13.46
N VAL C 68 -10.91 -7.85 -12.36
CA VAL C 68 -9.86 -6.80 -12.31
C VAL C 68 -8.50 -7.49 -12.55
N GLY C 69 -7.76 -6.98 -13.55
CA GLY C 69 -6.45 -7.49 -13.91
C GLY C 69 -6.38 -8.56 -14.96
N GLU C 70 -7.47 -9.29 -15.16
CA GLU C 70 -7.57 -10.41 -16.09
C GLU C 70 -8.35 -10.11 -17.36
N TYR C 71 -7.63 -10.30 -18.47
CA TYR C 71 -8.09 -10.06 -19.82
C TYR C 71 -8.03 -11.33 -20.67
N SER C 72 -9.12 -11.56 -21.39
CA SER C 72 -9.27 -12.70 -22.27
C SER C 72 -9.59 -12.40 -23.74
N LEU C 73 -8.94 -13.19 -24.61
CA LEU C 73 -9.13 -13.14 -26.05
C LEU C 73 -9.56 -14.54 -26.47
N TYR C 74 -10.66 -14.54 -27.23
CA TYR C 74 -11.22 -15.72 -27.84
C TYR C 74 -11.00 -15.64 -29.33
N ILE C 75 -10.35 -16.67 -29.88
CA ILE C 75 -10.15 -16.83 -31.33
C ILE C 75 -10.80 -18.21 -31.58
N GLY C 76 -11.94 -18.21 -32.31
CA GLY C 76 -12.70 -19.40 -32.71
C GLY C 76 -13.04 -20.45 -31.65
N ARG C 77 -13.74 -20.02 -30.57
CA ARG C 77 -14.19 -20.79 -29.35
C ARG C 77 -13.09 -21.03 -28.30
N HIS C 78 -11.83 -20.88 -28.72
CA HIS C 78 -10.66 -21.11 -27.89
C HIS C 78 -10.25 -19.82 -27.22
N LYS C 79 -10.00 -19.88 -25.90
CA LYS C 79 -9.58 -18.71 -25.13
C LYS C 79 -8.12 -18.70 -24.67
N VAL C 80 -7.66 -17.49 -24.33
CA VAL C 80 -6.34 -17.20 -23.84
C VAL C 80 -6.49 -16.04 -22.86
N THR C 81 -5.95 -16.23 -21.64
CA THR C 81 -5.99 -15.25 -20.54
C THR C 81 -4.60 -14.80 -20.02
N SER C 82 -4.45 -13.47 -19.90
CA SER C 82 -3.26 -12.79 -19.38
C SER C 82 -3.62 -11.81 -18.28
N LYS C 83 -2.72 -11.70 -17.29
CA LYS C 83 -2.86 -10.84 -16.10
C LYS C 83 -2.06 -9.54 -16.11
N VAL C 84 -2.52 -8.55 -15.33
CA VAL C 84 -1.87 -7.21 -15.17
C VAL C 84 -2.22 -6.59 -13.81
N ILE C 85 -1.36 -5.69 -13.36
CA ILE C 85 -1.59 -4.90 -12.14
C ILE C 85 -2.36 -3.65 -12.61
N GLU C 86 -3.57 -3.48 -12.10
CA GLU C 86 -4.39 -2.30 -12.40
C GLU C 86 -5.22 -1.83 -11.23
N LYS C 87 -5.56 -0.53 -11.29
CA LYS C 87 -6.40 0.18 -10.32
C LYS C 87 -7.86 0.04 -10.72
N PHE C 88 -8.68 -0.14 -9.70
CA PHE C 88 -10.13 -0.29 -9.82
C PHE C 88 -10.83 0.77 -8.92
N PRO C 89 -11.63 1.72 -9.49
CA PRO C 89 -11.93 1.92 -10.93
C PRO C 89 -10.98 2.94 -11.57
N ALA C 90 -10.66 2.69 -12.84
CA ALA C 90 -9.72 3.52 -13.61
C ALA C 90 -9.87 3.40 -15.12
N PRO C 91 -9.54 4.50 -15.90
CA PRO C 91 -9.59 4.46 -17.38
C PRO C 91 -8.44 3.53 -17.86
N VAL C 92 -8.72 2.76 -18.92
CA VAL C 92 -7.79 1.82 -19.52
C VAL C 92 -7.78 1.93 -21.06
N HIS C 93 -6.57 1.80 -21.63
CA HIS C 93 -6.33 1.75 -23.06
C HIS C 93 -5.86 0.30 -23.28
N ILE C 94 -6.61 -0.40 -24.13
CA ILE C 94 -6.38 -1.80 -24.49
C ILE C 94 -6.04 -1.91 -25.97
N CYS C 95 -5.02 -2.71 -26.23
CA CYS C 95 -4.55 -3.10 -27.53
C CYS C 95 -4.41 -4.60 -27.44
N VAL C 96 -4.91 -5.28 -28.46
CA VAL C 96 -4.86 -6.71 -28.60
C VAL C 96 -4.55 -7.03 -30.05
N SER C 97 -3.57 -7.90 -30.26
CA SER C 97 -3.17 -8.36 -31.59
C SER C 97 -3.08 -9.86 -31.69
N TRP C 98 -3.34 -10.40 -32.88
CA TRP C 98 -3.21 -11.84 -33.15
C TRP C 98 -2.70 -12.07 -34.54
N GLU C 99 -1.90 -13.14 -34.66
CA GLU C 99 -1.20 -13.58 -35.87
C GLU C 99 -1.43 -15.08 -36.03
N SER C 100 -1.92 -15.48 -37.21
CA SER C 100 -2.22 -16.87 -37.57
C SER C 100 -1.04 -17.83 -37.68
N SER C 101 0.08 -17.35 -38.25
CA SER C 101 1.31 -18.13 -38.50
C SER C 101 1.97 -18.73 -37.28
N SER C 102 2.03 -17.93 -36.21
CA SER C 102 2.61 -18.30 -34.92
C SER C 102 1.58 -18.66 -33.86
N GLY C 103 0.37 -18.12 -34.01
CA GLY C 103 -0.73 -18.30 -33.06
C GLY C 103 -0.64 -17.33 -31.87
N ILE C 104 0.33 -16.41 -31.90
CA ILE C 104 0.59 -15.43 -30.82
C ILE C 104 -0.43 -14.30 -30.70
N ALA C 105 -0.81 -14.09 -29.44
CA ALA C 105 -1.73 -13.09 -29.01
C ALA C 105 -1.03 -12.13 -28.04
N GLU C 106 -0.97 -10.86 -28.45
CA GLU C 106 -0.37 -9.80 -27.67
C GLU C 106 -1.37 -8.85 -27.08
N PHE C 107 -1.32 -8.64 -25.77
CA PHE C 107 -2.16 -7.68 -25.04
C PHE C 107 -1.27 -6.58 -24.48
N TRP C 108 -1.69 -5.32 -24.69
CA TRP C 108 -1.03 -4.11 -24.20
C TRP C 108 -2.05 -3.25 -23.44
N ILE C 109 -1.90 -3.21 -22.11
CA ILE C 109 -2.77 -2.45 -21.20
C ILE C 109 -1.98 -1.25 -20.70
N ASN C 110 -2.46 -0.04 -21.05
CA ASN C 110 -1.86 1.27 -20.73
C ASN C 110 -0.44 1.48 -21.24
N GLY C 111 -0.19 0.89 -22.42
CA GLY C 111 1.09 0.92 -23.12
C GLY C 111 2.16 -0.03 -22.58
N THR C 112 1.72 -0.94 -21.70
CA THR C 112 2.54 -1.93 -21.00
C THR C 112 2.22 -3.34 -21.60
N PRO C 113 3.27 -4.11 -22.06
CA PRO C 113 3.04 -5.45 -22.61
C PRO C 113 2.87 -6.54 -21.54
N LEU C 114 1.83 -7.35 -21.76
CA LEU C 114 1.45 -8.48 -20.93
C LEU C 114 2.15 -9.70 -21.51
N VAL C 115 2.13 -10.81 -20.78
CA VAL C 115 2.75 -12.09 -21.21
C VAL C 115 1.99 -12.66 -22.44
N LYS C 116 2.76 -12.95 -23.50
CA LYS C 116 2.29 -13.52 -24.77
C LYS C 116 1.86 -14.96 -24.61
N LYS C 117 0.67 -15.21 -25.15
CA LYS C 117 0.02 -16.51 -25.16
C LYS C 117 -0.30 -16.87 -26.60
N GLY C 118 -0.56 -18.15 -26.83
CA GLY C 118 -0.86 -18.64 -28.15
C GLY C 118 -2.01 -19.60 -28.16
N LEU C 119 -2.73 -19.46 -29.27
CA LEU C 119 -3.93 -20.24 -29.60
C LEU C 119 -4.16 -20.17 -31.10
N ARG C 120 -4.86 -21.21 -31.58
CA ARG C 120 -5.32 -21.41 -32.95
C ARG C 120 -4.39 -21.09 -34.14
N GLN C 121 -3.18 -21.64 -34.10
CA GLN C 121 -2.16 -21.50 -35.15
C GLN C 121 -2.62 -22.18 -36.44
N GLY C 122 -2.57 -21.38 -37.52
CA GLY C 122 -2.97 -21.77 -38.85
C GLY C 122 -4.43 -21.48 -39.16
N TYR C 123 -5.16 -20.89 -38.20
CA TYR C 123 -6.60 -20.56 -38.33
C TYR C 123 -6.82 -19.21 -38.98
N PHE C 124 -8.00 -19.09 -39.62
CA PHE C 124 -8.43 -17.85 -40.25
C PHE C 124 -9.74 -17.48 -39.60
N VAL C 125 -9.79 -16.27 -39.04
CA VAL C 125 -11.00 -15.73 -38.44
C VAL C 125 -11.90 -15.26 -39.63
N GLU C 126 -13.09 -15.87 -39.77
CA GLU C 126 -14.00 -15.61 -40.95
C GLU C 126 -14.58 -14.14 -41.07
N ALA C 127 -14.89 -13.90 -42.35
CA ALA C 127 -15.42 -12.65 -42.90
C ALA C 127 -16.95 -12.57 -42.70
N GLN C 128 -17.56 -11.47 -43.16
CA GLN C 128 -19.01 -11.13 -43.06
C GLN C 128 -19.49 -11.22 -41.55
N PRO C 129 -18.88 -10.38 -40.66
CA PRO C 129 -19.28 -10.44 -39.24
C PRO C 129 -20.35 -9.50 -38.74
N LYS C 130 -20.91 -9.86 -37.58
CA LYS C 130 -21.86 -9.02 -36.85
C LYS C 130 -21.02 -8.60 -35.61
N ILE C 131 -20.59 -7.32 -35.65
CA ILE C 131 -19.77 -6.71 -34.60
C ILE C 131 -20.58 -5.81 -33.69
N VAL C 132 -20.69 -6.25 -32.43
CA VAL C 132 -21.43 -5.52 -31.40
C VAL C 132 -20.59 -5.13 -30.17
N LEU C 133 -20.88 -3.91 -29.71
CA LEU C 133 -20.30 -3.34 -28.50
C LEU C 133 -21.43 -3.08 -27.53
N GLY C 134 -21.15 -3.29 -26.25
CA GLY C 134 -22.12 -3.10 -25.17
C GLY C 134 -22.80 -4.40 -24.76
N GLN C 135 -22.82 -5.37 -25.70
CA GLN C 135 -23.37 -6.70 -25.52
C GLN C 135 -22.48 -7.83 -26.12
N GLU C 136 -22.59 -9.02 -25.52
CA GLU C 136 -21.94 -10.30 -25.92
C GLU C 136 -22.98 -11.05 -26.76
N GLN C 137 -22.56 -11.50 -27.93
CA GLN C 137 -23.45 -12.26 -28.84
C GLN C 137 -23.30 -13.76 -28.66
N ASP C 138 -24.45 -14.47 -28.64
CA ASP C 138 -24.49 -15.95 -28.58
C ASP C 138 -25.16 -16.53 -29.84
N SER C 139 -25.27 -15.66 -30.85
CA SER C 139 -25.78 -15.93 -32.21
C SER C 139 -25.23 -14.84 -33.16
N TYR C 140 -25.72 -14.84 -34.41
CA TYR C 140 -25.35 -13.86 -35.44
C TYR C 140 -26.19 -12.58 -35.23
N GLY C 141 -25.62 -11.69 -34.41
CA GLY C 141 -26.21 -10.40 -34.08
C GLY C 141 -27.09 -10.28 -32.87
N GLY C 142 -27.41 -11.41 -32.22
CA GLY C 142 -28.29 -11.42 -31.07
C GLY C 142 -27.89 -12.36 -29.97
N LYS C 143 -28.91 -12.87 -29.26
CA LYS C 143 -28.82 -13.80 -28.11
C LYS C 143 -27.87 -13.28 -26.96
N PHE C 144 -28.25 -12.11 -26.46
CA PHE C 144 -27.52 -11.40 -25.43
C PHE C 144 -27.80 -11.88 -24.02
N ASP C 145 -26.90 -11.50 -23.12
CA ASP C 145 -26.90 -11.90 -21.80
C ASP C 145 -26.60 -10.73 -21.05
N ARG C 146 -27.54 -10.23 -19.94
CA ARG C 146 -27.51 -9.10 -18.99
C ARG C 146 -26.22 -9.06 -18.11
N SER C 147 -25.79 -10.27 -17.73
CA SER C 147 -24.65 -10.55 -16.84
C SER C 147 -23.27 -10.33 -17.51
N GLN C 148 -23.30 -10.32 -18.84
CA GLN C 148 -22.14 -10.11 -19.69
C GLN C 148 -22.15 -8.71 -20.35
N SER C 149 -23.15 -7.87 -20.03
CA SER C 149 -23.30 -6.52 -20.59
C SER C 149 -22.29 -5.49 -20.07
N PHE C 150 -21.91 -4.58 -20.96
CA PHE C 150 -20.97 -3.51 -20.64
C PHE C 150 -21.79 -2.26 -20.34
N VAL C 151 -21.52 -1.73 -19.16
CA VAL C 151 -22.07 -0.46 -18.71
C VAL C 151 -20.83 0.35 -18.43
N GLY C 152 -20.79 1.43 -19.18
CA GLY C 152 -19.69 2.36 -19.12
C GLY C 152 -19.49 3.14 -20.37
N GLU C 153 -18.23 3.54 -20.59
CA GLU C 153 -17.81 4.39 -21.71
C GLU C 153 -16.75 3.77 -22.59
N ILE C 154 -16.99 3.78 -23.90
CA ILE C 154 -16.08 3.25 -24.92
C ILE C 154 -15.65 4.31 -25.93
N GLY C 155 -14.34 4.35 -26.17
CA GLY C 155 -13.76 5.32 -27.09
C GLY C 155 -12.52 4.89 -27.81
N ASP C 156 -12.09 5.70 -28.80
CA ASP C 156 -10.87 5.52 -29.61
C ASP C 156 -10.65 4.16 -30.28
N LEU C 157 -11.74 3.60 -30.79
CA LEU C 157 -11.70 2.31 -31.47
C LEU C 157 -11.16 2.30 -32.91
N TYR C 158 -10.03 1.59 -33.02
CA TYR C 158 -9.31 1.39 -34.27
C TYR C 158 -8.93 -0.08 -34.43
N MET C 159 -9.09 -0.61 -35.66
CA MET C 159 -8.76 -1.99 -36.02
C MET C 159 -8.06 -2.01 -37.38
N TRP C 160 -6.91 -2.70 -37.36
CA TRP C 160 -5.98 -2.89 -38.50
C TRP C 160 -5.90 -4.34 -38.88
N ASP C 161 -5.49 -4.63 -40.12
CA ASP C 161 -5.36 -6.01 -40.66
C ASP C 161 -3.94 -6.60 -40.59
N SER C 162 -3.13 -5.95 -39.76
CA SER C 162 -1.76 -6.33 -39.49
C SER C 162 -1.47 -6.28 -38.00
N VAL C 163 -0.34 -6.88 -37.64
CA VAL C 163 0.22 -6.94 -36.27
C VAL C 163 1.07 -5.67 -36.16
N LEU C 164 0.62 -4.79 -35.27
CA LEU C 164 1.26 -3.51 -35.03
C LEU C 164 2.53 -3.60 -34.22
N PRO C 165 3.64 -2.91 -34.64
CA PRO C 165 4.92 -2.91 -33.90
C PRO C 165 4.78 -2.10 -32.55
N PRO C 166 5.64 -2.34 -31.48
CA PRO C 166 5.56 -1.60 -30.19
C PRO C 166 5.37 -0.06 -30.21
N GLU C 167 6.07 0.60 -31.17
CA GLU C 167 6.10 2.06 -31.47
C GLU C 167 4.71 2.65 -31.87
N ASN C 168 3.97 1.83 -32.64
CA ASN C 168 2.65 2.14 -33.16
C ASN C 168 1.54 1.96 -32.15
N ILE C 169 1.73 1.00 -31.22
CA ILE C 169 0.81 0.71 -30.11
C ILE C 169 0.87 1.89 -29.12
N LEU C 170 2.10 2.40 -28.91
CA LEU C 170 2.34 3.55 -28.02
C LEU C 170 1.83 4.85 -28.61
N SER C 171 1.79 4.92 -29.95
CA SER C 171 1.26 6.06 -30.72
C SER C 171 -0.27 6.13 -30.57
N ALA C 172 -0.89 4.95 -30.47
CA ALA C 172 -2.31 4.75 -30.24
C ALA C 172 -2.69 5.13 -28.78
N TYR C 173 -1.81 4.74 -27.84
CA TYR C 173 -1.91 5.04 -26.39
C TYR C 173 -1.79 6.55 -26.13
N GLN C 174 -0.85 7.18 -26.85
CA GLN C 174 -0.59 8.63 -26.75
C GLN C 174 -1.66 9.51 -27.43
N GLY C 175 -2.55 8.85 -28.19
CA GLY C 175 -3.66 9.49 -28.86
C GLY C 175 -3.45 9.97 -30.27
N THR C 176 -2.40 9.47 -30.94
CA THR C 176 -2.03 9.80 -32.34
C THR C 176 -1.80 8.47 -33.13
N PRO C 177 -2.86 7.61 -33.35
CA PRO C 177 -2.62 6.36 -34.10
C PRO C 177 -2.45 6.54 -35.60
N LEU C 178 -1.79 5.54 -36.19
CA LEU C 178 -1.55 5.39 -37.62
C LEU C 178 -2.89 4.99 -38.32
N PRO C 179 -3.07 5.30 -39.66
CA PRO C 179 -4.31 4.94 -40.40
C PRO C 179 -4.77 3.47 -40.29
N ALA C 180 -6.02 3.33 -39.83
CA ALA C 180 -6.68 2.03 -39.64
C ALA C 180 -7.63 1.72 -40.75
N ASN C 181 -7.48 0.50 -41.29
CA ASN C 181 -8.24 -0.02 -42.43
C ASN C 181 -9.48 -0.87 -42.20
N ILE C 182 -9.62 -1.54 -41.04
CA ILE C 182 -10.85 -2.35 -40.76
C ILE C 182 -11.86 -1.41 -40.11
N LEU C 183 -11.44 -0.81 -39.00
CA LEU C 183 -12.23 0.15 -38.28
C LEU C 183 -11.40 1.34 -37.91
N ASP C 184 -12.00 2.49 -38.11
CA ASP C 184 -11.38 3.77 -37.89
C ASP C 184 -12.42 4.62 -37.15
N TRP C 185 -12.02 5.17 -36.00
CA TRP C 185 -12.83 6.05 -35.15
C TRP C 185 -13.09 7.43 -35.76
N GLN C 186 -12.25 7.78 -36.75
CA GLN C 186 -12.22 8.97 -37.61
C GLN C 186 -13.28 8.93 -38.74
N ALA C 187 -13.69 7.70 -39.10
CA ALA C 187 -14.59 7.42 -40.22
C ALA C 187 -15.38 6.13 -39.89
N LEU C 188 -16.10 6.21 -38.75
CA LEU C 188 -16.92 5.12 -38.21
C LEU C 188 -18.36 5.01 -38.76
N ASN C 189 -18.71 3.82 -39.21
CA ASN C 189 -20.04 3.47 -39.70
C ASN C 189 -20.64 2.61 -38.59
N TYR C 190 -21.58 3.22 -37.88
CA TYR C 190 -22.28 2.60 -36.75
C TYR C 190 -23.83 2.62 -36.84
N GLU C 191 -24.41 1.89 -35.88
CA GLU C 191 -25.85 1.75 -35.69
C GLU C 191 -26.10 1.65 -34.15
N ILE C 192 -26.88 2.57 -33.56
CA ILE C 192 -27.26 2.56 -32.11
C ILE C 192 -28.67 1.93 -32.08
N ARG C 193 -28.88 0.94 -31.20
CA ARG C 193 -30.18 0.23 -31.14
C ARG C 193 -31.11 0.40 -29.94
N GLY C 194 -30.57 0.96 -28.86
CA GLY C 194 -31.32 1.22 -27.64
C GLY C 194 -30.84 2.53 -27.03
N TYR C 195 -30.57 2.47 -25.72
CA TYR C 195 -30.09 3.60 -24.93
C TYR C 195 -28.55 3.64 -24.87
N VAL C 196 -27.99 4.34 -25.86
CA VAL C 196 -26.56 4.62 -26.00
C VAL C 196 -26.44 6.04 -26.52
N ILE C 197 -25.76 6.85 -25.69
CA ILE C 197 -25.54 8.30 -25.85
C ILE C 197 -24.10 8.62 -26.23
N ILE C 198 -23.94 9.61 -27.11
CA ILE C 198 -22.64 10.16 -27.57
C ILE C 198 -22.41 11.44 -26.75
N LYS C 199 -21.29 11.44 -26.05
CA LYS C 199 -20.86 12.53 -25.17
C LYS C 199 -19.35 12.80 -25.38
N PRO C 200 -18.80 14.03 -25.00
CA PRO C 200 -17.34 14.25 -25.18
C PRO C 200 -16.49 13.40 -24.23
N LEU C 201 -15.31 12.97 -24.70
CA LEU C 201 -14.30 12.19 -23.95
C LEU C 201 -13.56 13.17 -22.98
N VAL C 202 -13.94 13.07 -21.69
CA VAL C 202 -13.43 13.94 -20.61
C VAL C 202 -12.36 13.34 -19.70
N TRP C 203 -12.14 12.03 -19.88
CA TRP C 203 -11.22 11.25 -19.06
C TRP C 203 -9.80 10.89 -19.56
N VAL C 204 -9.38 11.51 -20.67
CA VAL C 204 -8.01 11.30 -21.22
C VAL C 204 -7.07 12.50 -20.87
N HIS D 1 43.30 -11.69 16.62
CA HIS D 1 42.23 -10.74 16.14
C HIS D 1 42.31 -10.53 14.63
N THR D 2 41.14 -10.38 14.01
CA THR D 2 40.96 -10.21 12.54
C THR D 2 40.15 -8.96 12.20
N ASP D 3 40.49 -8.39 11.04
CA ASP D 3 39.60 -7.25 10.52
C ASP D 3 38.75 -7.88 9.52
N LEU D 4 37.49 -7.76 9.96
CA LEU D 4 36.38 -8.29 9.21
C LEU D 4 35.58 -7.26 8.42
N SER D 5 36.23 -6.11 8.14
CA SER D 5 35.67 -5.00 7.36
C SER D 5 35.35 -5.42 5.93
N GLY D 6 34.07 -5.16 5.63
CA GLY D 6 33.44 -5.47 4.36
C GLY D 6 33.09 -6.94 4.23
N LYS D 7 33.08 -7.65 5.37
CA LYS D 7 32.77 -9.07 5.43
C LYS D 7 31.62 -9.36 6.37
N VAL D 8 31.09 -10.57 6.20
CA VAL D 8 29.91 -11.07 6.92
C VAL D 8 30.11 -12.54 7.37
N PHE D 9 29.42 -12.95 8.44
CA PHE D 9 29.37 -14.34 8.89
C PHE D 9 28.05 -14.76 8.31
N VAL D 10 28.07 -15.87 7.59
CA VAL D 10 26.88 -16.44 7.01
C VAL D 10 26.65 -17.79 7.66
N PHE D 11 25.48 -17.87 8.31
CA PHE D 11 24.89 -19.04 9.00
C PHE D 11 23.95 -19.50 7.86
N PRO D 12 24.42 -20.48 7.03
CA PRO D 12 23.65 -20.94 5.88
C PRO D 12 22.47 -21.91 5.96
N ARG D 13 22.22 -22.49 7.13
CA ARG D 13 21.15 -23.49 7.37
C ARG D 13 20.64 -23.42 8.81
N GLU D 14 19.54 -24.10 9.09
CA GLU D 14 19.00 -24.22 10.44
C GLU D 14 19.69 -25.47 11.06
N SER D 15 20.14 -25.31 12.31
CA SER D 15 20.83 -26.34 13.12
C SER D 15 20.75 -25.97 14.61
N VAL D 16 21.18 -26.89 15.25
CA VAL D 16 21.39 -26.71 16.74
C VAL D 16 22.90 -26.77 17.21
N THR D 17 23.74 -26.83 16.16
CA THR D 17 25.22 -26.88 16.24
C THR D 17 26.04 -25.67 15.82
N ASP D 18 25.77 -25.09 14.64
CA ASP D 18 26.52 -23.94 14.06
C ASP D 18 26.41 -22.62 14.80
N HIS D 19 27.57 -22.16 15.29
CA HIS D 19 27.73 -20.90 16.05
C HIS D 19 29.12 -20.30 16.03
N VAL D 20 29.17 -19.00 16.36
CA VAL D 20 30.42 -18.28 16.52
C VAL D 20 30.57 -17.80 17.96
N ASN D 21 31.68 -18.15 18.61
CA ASN D 21 32.01 -17.67 19.96
C ASN D 21 32.87 -16.45 19.82
N LEU D 22 32.53 -15.43 20.61
CA LEU D 22 33.22 -14.16 20.63
C LEU D 22 33.84 -13.96 21.98
N ILE D 23 35.16 -13.77 21.92
CA ILE D 23 36.07 -13.60 23.05
C ILE D 23 36.38 -12.11 23.30
N THR D 24 36.09 -11.69 24.53
CA THR D 24 36.36 -10.34 25.05
C THR D 24 36.94 -10.47 26.49
N PRO D 25 38.01 -9.69 26.84
CA PRO D 25 38.60 -9.75 28.20
C PRO D 25 37.86 -8.88 29.29
N LEU D 26 36.64 -9.34 29.63
CA LEU D 26 35.76 -8.72 30.61
C LEU D 26 36.00 -9.23 32.03
N GLU D 27 36.64 -8.37 32.84
CA GLU D 27 36.98 -8.63 34.25
C GLU D 27 35.96 -8.00 35.22
N LYS D 28 35.49 -6.81 34.84
CA LYS D 28 34.57 -5.96 35.58
C LYS D 28 33.14 -5.93 34.97
N PRO D 29 32.05 -6.04 35.81
CA PRO D 29 30.65 -6.01 35.30
C PRO D 29 30.10 -4.69 34.66
N LEU D 30 29.25 -4.87 33.66
CA LEU D 30 28.60 -3.80 32.88
C LEU D 30 27.44 -3.04 33.49
N GLN D 31 27.64 -1.72 33.52
CA GLN D 31 26.71 -0.72 34.03
C GLN D 31 25.96 -0.14 32.79
N ASN D 32 26.77 0.35 31.84
CA ASN D 32 26.34 0.96 30.58
C ASN D 32 26.92 0.23 29.38
N PHE D 33 26.14 0.18 28.29
CA PHE D 33 26.56 -0.38 26.99
C PHE D 33 25.74 0.14 25.78
N THR D 34 26.32 -0.07 24.59
CA THR D 34 25.72 0.13 23.26
C THR D 34 26.25 -1.08 22.47
N LEU D 35 25.40 -1.63 21.62
CA LEU D 35 25.66 -2.78 20.77
C LEU D 35 25.00 -2.52 19.41
N CYS D 36 25.84 -2.38 18.39
CA CYS D 36 25.47 -2.16 16.99
C CYS D 36 25.90 -3.30 16.10
N PHE D 37 25.01 -3.66 15.16
CA PHE D 37 25.20 -4.69 14.12
C PHE D 37 24.23 -4.57 12.93
N ARG D 38 24.56 -5.30 11.88
CA ARG D 38 23.82 -5.45 10.64
C ARG D 38 23.38 -6.93 10.54
N ALA D 39 22.09 -7.15 10.22
CA ALA D 39 21.49 -8.49 10.09
C ALA D 39 20.61 -8.61 8.86
N TYR D 40 20.71 -9.78 8.20
CA TYR D 40 19.93 -10.12 7.02
C TYR D 40 19.48 -11.59 7.07
N SER D 41 18.17 -11.73 7.31
CA SER D 41 17.45 -13.01 7.41
C SER D 41 16.06 -12.97 6.70
N ASP D 42 15.65 -14.11 6.12
CA ASP D 42 14.30 -14.27 5.53
C ASP D 42 13.41 -15.26 6.36
N LEU D 43 13.77 -15.42 7.63
CA LEU D 43 13.10 -16.25 8.64
C LEU D 43 11.91 -15.45 9.20
N SER D 44 10.73 -16.07 9.20
CA SER D 44 9.51 -15.45 9.74
C SER D 44 9.19 -15.86 11.18
N ARG D 45 9.93 -16.86 11.71
CA ARG D 45 9.82 -17.33 13.11
C ARG D 45 10.75 -16.50 14.00
N ALA D 46 10.68 -16.75 15.31
CA ALA D 46 11.51 -16.12 16.35
C ALA D 46 12.96 -16.67 16.32
N TYR D 47 13.92 -15.78 16.58
CA TYR D 47 15.35 -16.10 16.63
C TYR D 47 16.11 -15.15 17.54
N SER D 48 17.31 -15.60 17.92
CA SER D 48 18.26 -14.86 18.72
C SER D 48 19.27 -14.17 17.80
N LEU D 49 19.65 -12.97 18.21
CA LEU D 49 20.61 -12.15 17.49
C LEU D 49 21.92 -12.08 18.21
N PHE D 50 21.85 -11.87 19.53
CA PHE D 50 23.02 -11.75 20.41
C PHE D 50 22.63 -12.47 21.72
N SER D 51 23.42 -13.51 22.08
CA SER D 51 23.24 -14.31 23.31
C SER D 51 24.50 -14.17 24.17
N TYR D 52 24.31 -13.67 25.39
CA TYR D 52 25.35 -13.45 26.40
C TYR D 52 24.71 -14.05 27.66
N ASN D 53 25.42 -15.05 28.18
CA ASN D 53 25.10 -15.81 29.41
C ASN D 53 26.34 -15.87 30.30
N THR D 54 26.12 -15.68 31.60
CA THR D 54 27.21 -15.82 32.59
C THR D 54 26.94 -17.09 33.39
N GLN D 55 27.98 -17.54 34.11
CA GLN D 55 28.01 -18.74 34.99
C GLN D 55 26.77 -18.95 35.92
N GLY D 56 25.85 -19.78 35.40
CA GLY D 56 24.55 -20.12 36.02
C GLY D 56 23.52 -18.97 35.94
N ARG D 57 23.70 -18.12 34.93
CA ARG D 57 22.91 -16.92 34.65
C ARG D 57 22.52 -16.80 33.14
N ASP D 58 21.37 -17.40 32.81
CA ASP D 58 20.74 -17.46 31.47
C ASP D 58 19.99 -16.17 31.17
N ASN D 59 20.06 -15.69 29.92
CA ASN D 59 19.40 -14.45 29.37
C ASN D 59 19.82 -13.17 30.09
N GLU D 60 21.13 -13.14 30.37
CA GLU D 60 21.80 -12.04 31.07
C GLU D 60 21.81 -10.76 30.22
N LEU D 61 22.02 -10.99 28.92
CA LEU D 61 21.99 -9.98 27.85
C LEU D 61 21.64 -10.71 26.57
N LEU D 62 20.38 -10.56 26.19
CA LEU D 62 19.84 -11.16 24.97
C LEU D 62 19.05 -10.21 24.03
N VAL D 63 19.47 -10.15 22.75
CA VAL D 63 18.77 -9.38 21.69
C VAL D 63 18.06 -10.49 20.92
N TYR D 64 16.72 -10.43 20.99
CA TYR D 64 15.80 -11.41 20.43
C TYR D 64 14.79 -10.78 19.51
N LYS D 65 14.58 -11.38 18.33
CA LYS D 65 13.53 -10.89 17.42
C LYS D 65 12.33 -11.83 17.58
N GLU D 66 11.19 -11.25 17.99
CA GLU D 66 9.93 -12.00 18.21
C GLU D 66 9.21 -12.46 16.94
N ARG D 67 9.03 -11.48 16.06
CA ARG D 67 8.35 -11.54 14.76
C ARG D 67 8.81 -10.29 14.00
N VAL D 68 8.23 -10.04 12.82
CA VAL D 68 8.51 -8.84 11.97
C VAL D 68 8.01 -7.59 12.76
N GLY D 69 8.92 -6.63 12.94
CA GLY D 69 8.63 -5.39 13.64
C GLY D 69 8.88 -5.34 15.12
N GLU D 70 8.92 -6.49 15.76
CA GLU D 70 9.11 -6.63 17.21
C GLU D 70 10.49 -7.12 17.63
N TYR D 71 11.11 -6.27 18.44
CA TYR D 71 12.44 -6.46 18.99
C TYR D 71 12.44 -6.49 20.49
N SER D 72 13.16 -7.47 21.04
CA SER D 72 13.31 -7.67 22.46
C SER D 72 14.73 -7.68 23.02
N LEU D 73 14.86 -7.06 24.20
CA LEU D 73 16.10 -6.98 24.96
C LEU D 73 15.80 -7.58 26.32
N TYR D 74 16.67 -8.52 26.69
CA TYR D 74 16.67 -9.17 27.97
C TYR D 74 17.87 -8.70 28.75
N ILE D 75 17.62 -8.17 29.95
CA ILE D 75 18.66 -7.76 30.90
C ILE D 75 18.28 -8.60 32.15
N GLY D 76 19.14 -9.57 32.50
CA GLY D 76 19.00 -10.46 33.66
C GLY D 76 17.66 -11.16 33.91
N ARG D 77 17.18 -11.93 32.91
CA ARG D 77 15.88 -12.71 32.85
C ARG D 77 14.65 -11.86 32.51
N HIS D 78 14.76 -10.54 32.70
CA HIS D 78 13.70 -9.59 32.48
C HIS D 78 13.74 -9.07 31.06
N LYS D 79 12.59 -9.04 30.39
CA LYS D 79 12.48 -8.57 29.01
C LYS D 79 11.77 -7.23 28.84
N VAL D 80 12.04 -6.62 27.67
CA VAL D 80 11.48 -5.36 27.24
C VAL D 80 11.34 -5.46 25.71
N THR D 81 10.12 -5.17 25.22
CA THR D 81 9.77 -5.23 23.78
C THR D 81 9.24 -3.88 23.20
N SER D 82 9.83 -3.52 22.04
CA SER D 82 9.49 -2.33 21.25
C SER D 82 9.22 -2.68 19.81
N LYS D 83 8.25 -1.95 19.22
CA LYS D 83 7.78 -2.14 17.83
C LYS D 83 8.28 -1.12 16.81
N VAL D 84 8.30 -1.52 15.52
CA VAL D 84 8.72 -0.69 14.36
C VAL D 84 8.04 -1.13 13.08
N ILE D 85 7.95 -0.22 12.11
CA ILE D 85 7.42 -0.51 10.78
C ILE D 85 8.67 -0.95 9.97
N GLU D 86 8.62 -2.18 9.46
CA GLU D 86 9.69 -2.71 8.61
C GLU D 86 9.19 -3.63 7.51
N LYS D 87 10.01 -3.72 6.47
CA LYS D 87 9.80 -4.57 5.28
C LYS D 87 10.40 -5.95 5.55
N PHE D 88 9.66 -6.95 5.08
CA PHE D 88 10.03 -8.35 5.18
C PHE D 88 10.02 -8.99 3.77
N PRO D 89 11.19 -9.51 3.25
CA PRO D 89 12.53 -9.53 3.87
C PRO D 89 13.36 -8.32 3.45
N ALA D 90 14.19 -7.85 4.39
CA ALA D 90 15.03 -6.67 4.18
C ALA D 90 16.24 -6.58 5.11
N PRO D 91 17.38 -5.94 4.67
CA PRO D 91 18.56 -5.74 5.52
C PRO D 91 18.19 -4.71 6.63
N VAL D 92 18.71 -4.95 7.84
CA VAL D 92 18.48 -4.10 9.01
C VAL D 92 19.77 -3.83 9.77
N HIS D 93 19.89 -2.60 10.27
CA HIS D 93 20.96 -2.13 11.13
C HIS D 93 20.26 -1.90 12.47
N ILE D 94 20.75 -2.60 13.49
CA ILE D 94 20.25 -2.58 14.85
C ILE D 94 21.31 -2.01 15.80
N CYS D 95 20.85 -1.12 16.66
CA CYS D 95 21.59 -0.51 17.74
C CYS D 95 20.68 -0.66 18.94
N VAL D 96 21.27 -1.10 20.05
CA VAL D 96 20.60 -1.29 21.30
C VAL D 96 21.54 -0.81 22.40
N SER D 97 21.01 0.02 23.29
CA SER D 97 21.75 0.55 24.44
C SER D 97 21.00 0.39 25.74
N TRP D 98 21.74 0.24 26.84
CA TRP D 98 21.16 0.15 28.18
C TRP D 98 22.06 0.84 29.19
N GLU D 99 21.39 1.44 30.18
CA GLU D 99 21.98 2.25 31.26
C GLU D 99 21.36 1.79 32.58
N SER D 100 22.23 1.43 33.54
CA SER D 100 21.84 0.95 34.87
C SER D 100 21.13 1.94 35.80
N SER D 101 21.59 3.21 35.78
CA SER D 101 21.09 4.30 36.63
C SER D 101 19.62 4.65 36.49
N SER D 102 19.17 4.66 35.22
CA SER D 102 17.78 4.95 34.85
C SER D 102 16.97 3.72 34.49
N GLY D 103 17.67 2.66 34.05
CA GLY D 103 17.06 1.41 33.61
C GLY D 103 16.60 1.47 32.15
N ILE D 104 16.88 2.58 31.45
CA ILE D 104 16.47 2.83 30.06
C ILE D 104 17.21 2.02 29.00
N ALA D 105 16.39 1.48 28.10
CA ALA D 105 16.80 0.69 26.98
C ALA D 105 16.35 1.38 25.69
N GLU D 106 17.34 1.73 24.87
CA GLU D 106 17.14 2.38 23.59
C GLU D 106 17.41 1.47 22.42
N PHE D 107 16.44 1.35 21.51
CA PHE D 107 16.55 0.58 20.25
C PHE D 107 16.48 1.55 19.08
N TRP D 108 17.42 1.39 18.15
CA TRP D 108 17.52 2.17 16.91
C TRP D 108 17.60 1.20 15.72
N ILE D 109 16.50 1.14 14.95
CA ILE D 109 16.38 0.28 13.75
C ILE D 109 16.43 1.17 12.53
N ASN D 110 17.47 0.98 11.70
CA ASN D 110 17.76 1.73 10.47
C ASN D 110 17.96 3.25 10.66
N GLY D 111 18.54 3.57 11.82
CA GLY D 111 18.83 4.94 12.26
C GLY D 111 17.62 5.73 12.80
N THR D 112 16.53 5.00 13.04
CA THR D 112 15.25 5.48 13.52
C THR D 112 15.05 5.03 14.99
N PRO D 113 14.77 5.99 15.93
CA PRO D 113 14.56 5.61 17.35
C PRO D 113 13.15 5.08 17.64
N LEU D 114 13.13 3.96 18.36
CA LEU D 114 11.93 3.26 18.82
C LEU D 114 11.60 3.81 20.20
N VAL D 115 10.41 3.49 20.71
CA VAL D 115 9.93 3.92 22.05
C VAL D 115 10.82 3.29 23.16
N LYS D 116 11.34 4.17 24.03
CA LYS D 116 12.17 3.81 25.19
C LYS D 116 11.37 3.12 26.26
N LYS D 117 11.96 2.01 26.70
CA LYS D 117 11.43 1.15 27.75
C LYS D 117 12.47 1.02 28.84
N GLY D 118 12.04 0.57 30.01
CA GLY D 118 12.92 0.41 31.13
C GLY D 118 12.69 -0.87 31.86
N LEU D 119 13.83 -1.37 32.34
CA LEU D 119 13.97 -2.61 33.10
C LEU D 119 15.29 -2.58 33.88
N ARG D 120 15.28 -3.35 34.96
CA ARG D 120 16.39 -3.62 35.88
C ARG D 120 17.32 -2.46 36.32
N GLN D 121 16.69 -1.40 36.82
CA GLN D 121 17.39 -0.20 37.34
C GLN D 121 18.19 -0.56 38.60
N GLY D 122 19.47 -0.19 38.55
CA GLY D 122 20.44 -0.42 39.60
C GLY D 122 21.19 -1.75 39.45
N TYR D 123 20.90 -2.50 38.38
CA TYR D 123 21.52 -3.82 38.11
C TYR D 123 22.82 -3.70 37.34
N PHE D 124 23.67 -4.70 37.53
CA PHE D 124 24.96 -4.81 36.84
C PHE D 124 24.92 -6.12 36.09
N VAL D 125 25.14 -6.04 34.78
CA VAL D 125 25.21 -7.22 33.94
C VAL D 125 26.65 -7.82 34.16
N GLU D 126 26.71 -9.05 34.67
CA GLU D 126 27.97 -9.76 34.98
C GLU D 126 29.04 -9.99 33.89
N ALA D 127 30.28 -10.02 34.38
CA ALA D 127 31.52 -10.23 33.63
C ALA D 127 31.77 -11.73 33.37
N GLN D 128 32.88 -12.05 32.68
CA GLN D 128 33.31 -13.42 32.26
C GLN D 128 32.15 -14.15 31.47
N PRO D 129 31.74 -13.56 30.31
CA PRO D 129 30.64 -14.19 29.54
C PRO D 129 30.99 -15.14 28.43
N LYS D 130 30.00 -15.93 28.04
CA LYS D 130 30.05 -16.83 26.89
C LYS D 130 29.09 -16.15 25.89
N ILE D 131 29.70 -15.50 24.89
CA ILE D 131 28.99 -14.76 23.84
C ILE D 131 28.90 -15.54 22.54
N VAL D 132 27.68 -15.94 22.19
CA VAL D 132 27.41 -16.69 20.96
C VAL D 132 26.43 -16.01 19.99
N LEU D 133 26.77 -16.15 18.72
CA LEU D 133 25.95 -15.68 17.61
C LEU D 133 25.58 -16.90 16.77
N GLY D 134 24.35 -16.87 16.25
CA GLY D 134 23.80 -17.95 15.43
C GLY D 134 22.94 -18.91 16.24
N GLN D 135 23.18 -18.95 17.56
CA GLN D 135 22.46 -19.75 18.54
C GLN D 135 22.14 -18.99 19.86
N GLU D 136 21.03 -19.41 20.50
CA GLU D 136 20.53 -18.94 21.81
C GLU D 136 21.05 -19.95 22.84
N GLN D 137 21.66 -19.42 23.90
CA GLN D 137 22.21 -20.26 24.99
C GLN D 137 21.22 -20.43 26.13
N ASP D 138 21.10 -21.66 26.65
CA ASP D 138 20.27 -21.97 27.84
C ASP D 138 21.15 -22.52 28.99
N SER D 139 22.46 -22.31 28.83
CA SER D 139 23.53 -22.63 29.79
C SER D 139 24.75 -21.74 29.44
N TYR D 140 25.88 -22.01 30.11
CA TYR D 140 27.15 -21.31 29.90
C TYR D 140 27.88 -21.93 28.68
N GLY D 141 27.54 -21.35 27.52
CA GLY D 141 28.11 -21.74 26.23
C GLY D 141 27.40 -22.78 25.41
N GLY D 142 26.34 -23.39 25.96
CA GLY D 142 25.61 -24.44 25.27
C GLY D 142 24.12 -24.41 25.46
N LYS D 143 23.51 -25.61 25.42
CA LYS D 143 22.06 -25.88 25.55
C LYS D 143 21.18 -25.05 24.54
N PHE D 144 21.48 -25.30 23.27
CA PHE D 144 20.86 -24.62 22.14
C PHE D 144 19.52 -25.22 21.73
N ASP D 145 18.77 -24.43 20.96
CA ASP D 145 17.45 -24.76 20.44
C ASP D 145 17.39 -24.35 18.95
N ARG D 146 17.02 -25.34 18.11
CA ARG D 146 16.88 -25.22 16.64
C ARG D 146 15.86 -24.16 16.18
N SER D 147 14.79 -24.01 16.99
CA SER D 147 13.66 -23.10 16.78
C SER D 147 13.99 -21.62 17.07
N GLN D 148 15.09 -21.42 17.79
CA GLN D 148 15.62 -20.13 18.16
C GLN D 148 16.90 -19.78 17.36
N SER D 149 17.32 -20.66 16.44
CA SER D 149 18.53 -20.47 15.63
C SER D 149 18.43 -19.39 14.55
N PHE D 150 19.54 -18.71 14.32
CA PHE D 150 19.63 -17.66 13.30
C PHE D 150 20.26 -18.28 12.05
N VAL D 151 19.51 -18.12 10.96
CA VAL D 151 19.95 -18.52 9.64
C VAL D 151 19.87 -17.21 8.88
N GLY D 152 21.06 -16.86 8.41
CA GLY D 152 21.23 -15.63 7.67
C GLY D 152 22.62 -15.09 7.74
N GLU D 153 22.72 -13.77 7.59
CA GLU D 153 23.98 -13.03 7.55
C GLU D 153 24.12 -11.95 8.61
N ILE D 154 25.25 -11.98 9.33
CA ILE D 154 25.57 -11.01 10.38
C ILE D 154 26.86 -10.24 10.10
N GLY D 155 26.76 -8.93 10.26
CA GLY D 155 27.89 -8.05 10.02
C GLY D 155 27.96 -6.79 10.85
N ASP D 156 29.09 -6.07 10.75
CA ASP D 156 29.36 -4.78 11.42
C ASP D 156 29.12 -4.70 12.94
N LEU D 157 29.51 -5.78 13.62
CA LEU D 157 29.36 -5.86 15.07
C LEU D 157 30.40 -5.09 15.91
N TYR D 158 29.84 -4.10 16.63
CA TYR D 158 30.58 -3.24 17.55
C TYR D 158 29.84 -3.11 18.87
N MET D 159 30.59 -3.15 19.98
CA MET D 159 30.07 -3.00 21.34
C MET D 159 30.99 -2.11 22.15
N TRP D 160 30.33 -1.11 22.78
CA TRP D 160 30.94 -0.07 23.62
C TRP D 160 30.46 -0.18 25.04
N ASP D 161 31.22 0.37 26.00
CA ASP D 161 30.89 0.34 27.46
C ASP D 161 30.17 1.61 27.98
N SER D 162 29.65 2.36 27.02
CA SER D 162 28.91 3.59 27.25
C SER D 162 27.67 3.62 26.40
N VAL D 163 26.78 4.57 26.75
CA VAL D 163 25.51 4.86 26.06
C VAL D 163 25.89 5.89 25.01
N LEU D 164 25.75 5.48 23.76
CA LEU D 164 26.09 6.28 22.61
C LEU D 164 25.08 7.36 22.29
N PRO D 165 25.53 8.63 22.03
CA PRO D 165 24.63 9.76 21.68
C PRO D 165 24.01 9.54 20.24
N PRO D 166 22.80 10.15 19.89
CA PRO D 166 22.16 10.00 18.55
C PRO D 166 23.06 10.08 17.28
N GLU D 167 24.02 11.04 17.32
CA GLU D 167 25.04 11.37 16.28
C GLU D 167 26.00 10.19 15.94
N ASN D 168 26.37 9.47 17.00
CA ASN D 168 27.26 8.32 16.96
C ASN D 168 26.61 7.05 16.49
N ILE D 169 25.30 6.91 16.77
CA ILE D 169 24.45 5.78 16.34
C ILE D 169 24.26 5.89 14.81
N LEU D 170 24.08 7.13 14.33
CA LEU D 170 23.92 7.42 12.90
C LEU D 170 25.21 7.26 12.13
N SER D 171 26.34 7.45 12.82
CA SER D 171 27.70 7.27 12.28
C SER D 171 27.99 5.77 12.05
N ALA D 172 27.41 4.95 12.94
CA ALA D 172 27.45 3.48 12.90
C ALA D 172 26.57 2.95 11.74
N TYR D 173 25.39 3.57 11.59
CA TYR D 173 24.39 3.29 10.51
C TYR D 173 24.95 3.63 9.13
N GLN D 174 25.65 4.76 9.06
CA GLN D 174 26.29 5.27 7.83
C GLN D 174 27.57 4.49 7.42
N GLY D 175 28.03 3.64 8.34
CA GLY D 175 29.18 2.79 8.12
C GLY D 175 30.53 3.31 8.53
N THR D 176 30.56 4.35 9.37
CA THR D 176 31.79 5.00 9.91
C THR D 176 31.67 5.12 11.46
N PRO D 177 31.64 3.97 12.24
CA PRO D 177 31.52 4.10 13.70
C PRO D 177 32.79 4.56 14.41
N LEU D 178 32.58 5.11 15.60
CA LEU D 178 33.61 5.55 16.54
C LEU D 178 34.28 4.31 17.19
N PRO D 179 35.57 4.39 17.67
CA PRO D 179 36.27 3.26 18.31
C PRO D 179 35.51 2.53 19.44
N ALA D 180 35.36 1.22 19.22
CA ALA D 180 34.66 0.32 20.15
C ALA D 180 35.63 -0.48 20.98
N ASN D 181 35.37 -0.46 22.30
CA ASN D 181 36.20 -1.11 23.32
C ASN D 181 35.85 -2.49 23.84
N ILE D 182 34.59 -2.94 23.73
CA ILE D 182 34.22 -4.32 24.18
C ILE D 182 34.42 -5.24 22.98
N LEU D 183 33.74 -4.91 21.89
CA LEU D 183 33.86 -5.63 20.64
C LEU D 183 34.00 -4.68 19.51
N ASP D 184 34.92 -5.02 18.62
CA ASP D 184 35.28 -4.23 17.48
C ASP D 184 35.38 -5.22 16.30
N TRP D 185 34.64 -4.90 15.23
CA TRP D 185 34.61 -5.69 13.98
C TRP D 185 35.90 -5.58 13.15
N GLN D 186 36.70 -4.55 13.48
CA GLN D 186 38.02 -4.28 12.88
C GLN D 186 39.16 -5.01 13.58
N ALA D 187 38.90 -5.58 14.77
CA ALA D 187 39.87 -6.30 15.60
C ALA D 187 39.10 -7.36 16.42
N LEU D 188 38.40 -8.23 15.69
CA LEU D 188 37.57 -9.31 16.23
C LEU D 188 38.28 -10.63 16.54
N ASN D 189 38.10 -11.11 17.77
CA ASN D 189 38.63 -12.38 18.25
C ASN D 189 37.40 -13.30 18.31
N TYR D 190 37.37 -14.22 17.35
CA TYR D 190 36.29 -15.20 17.20
C TYR D 190 36.73 -16.68 17.15
N GLU D 191 35.71 -17.54 17.18
CA GLU D 191 35.81 -18.99 17.11
C GLU D 191 34.57 -19.49 16.32
N ILE D 192 34.76 -20.20 15.19
CA ILE D 192 33.67 -20.81 14.35
C ILE D 192 33.64 -22.29 14.79
N ARG D 193 32.46 -22.81 15.10
CA ARG D 193 32.33 -24.21 15.58
C ARG D 193 31.66 -25.27 14.71
N GLY D 194 30.96 -24.83 13.67
CA GLY D 194 30.28 -25.72 12.73
C GLY D 194 30.37 -25.12 11.34
N TYR D 195 29.22 -25.08 10.68
CA TYR D 195 29.06 -24.55 9.32
C TYR D 195 28.67 -23.05 9.35
N VAL D 196 29.72 -22.23 9.35
CA VAL D 196 29.64 -20.77 9.27
C VAL D 196 30.80 -20.31 8.40
N ILE D 197 30.40 -19.65 7.30
CA ILE D 197 31.26 -19.15 6.21
C ILE D 197 31.39 -17.63 6.22
N ILE D 198 32.60 -17.15 5.92
CA ILE D 198 32.96 -15.72 5.79
C ILE D 198 32.93 -15.41 4.29
N LYS D 199 32.09 -14.43 3.96
CA LYS D 199 31.86 -13.97 2.59
C LYS D 199 31.81 -12.42 2.56
N PRO D 200 32.04 -11.73 1.36
CA PRO D 200 31.96 -10.24 1.36
C PRO D 200 30.53 -9.73 1.58
N LEU D 201 30.41 -8.59 2.27
CA LEU D 201 29.14 -7.86 2.55
C LEU D 201 28.70 -7.14 1.24
N VAL D 202 27.69 -7.72 0.58
CA VAL D 202 27.16 -7.26 -0.72
C VAL D 202 25.85 -6.47 -0.67
N TRP D 203 25.25 -6.46 0.52
CA TRP D 203 23.95 -5.84 0.76
C TRP D 203 23.82 -4.45 1.41
N VAL D 204 24.96 -3.74 1.55
CA VAL D 204 24.97 -2.36 2.10
C VAL D 204 25.10 -1.29 0.97
N HIS E 1 -28.88 36.36 1.77
CA HIS E 1 -27.91 37.18 1.01
C HIS E 1 -26.69 37.41 1.93
N THR E 2 -25.96 36.32 2.16
CA THR E 2 -24.80 36.29 3.03
C THR E 2 -23.61 35.65 2.33
N ASP E 3 -22.45 36.31 2.50
CA ASP E 3 -21.15 35.93 1.97
C ASP E 3 -20.51 34.94 2.95
N LEU E 4 -20.66 33.66 2.62
CA LEU E 4 -20.18 32.56 3.46
C LEU E 4 -18.82 31.98 3.03
N SER E 5 -18.13 32.75 2.17
CA SER E 5 -16.79 32.45 1.62
C SER E 5 -15.73 32.41 2.76
N GLY E 6 -15.02 31.28 2.77
CA GLY E 6 -14.00 30.95 3.77
C GLY E 6 -14.59 30.34 5.06
N LYS E 7 -15.90 30.11 5.05
CA LYS E 7 -16.66 29.52 6.17
C LYS E 7 -17.36 28.22 5.75
N VAL E 8 -17.74 27.47 6.77
CA VAL E 8 -18.33 26.15 6.70
C VAL E 8 -19.51 26.00 7.69
N PHE E 9 -20.47 25.13 7.37
CA PHE E 9 -21.57 24.72 8.29
C PHE E 9 -21.05 23.43 8.96
N VAL E 10 -21.03 23.40 10.30
CA VAL E 10 -20.60 22.23 11.09
C VAL E 10 -21.88 21.67 11.72
N PHE E 11 -22.10 20.37 11.52
CA PHE E 11 -23.19 19.57 12.10
C PHE E 11 -22.34 18.75 13.10
N PRO E 12 -22.21 19.25 14.36
CA PRO E 12 -21.41 18.61 15.41
C PRO E 12 -21.75 17.25 16.01
N ARG E 13 -23.03 16.91 15.96
CA ARG E 13 -23.59 15.68 16.52
C ARG E 13 -24.54 14.94 15.55
N GLU E 14 -24.95 13.74 16.01
CA GLU E 14 -25.92 12.86 15.36
C GLU E 14 -27.22 13.16 16.08
N SER E 15 -28.21 13.57 15.29
CA SER E 15 -29.57 13.91 15.75
C SER E 15 -30.59 13.76 14.63
N VAL E 16 -31.83 14.04 14.99
CA VAL E 16 -33.00 14.02 14.14
C VAL E 16 -33.65 15.43 14.24
N THR E 17 -32.82 16.43 14.56
CA THR E 17 -33.22 17.84 14.79
C THR E 17 -32.50 18.89 13.93
N ASP E 18 -31.17 18.85 13.98
CA ASP E 18 -30.25 19.79 13.32
C ASP E 18 -30.16 19.67 11.84
N HIS E 19 -30.57 20.77 11.21
CA HIS E 19 -30.55 20.98 9.78
C HIS E 19 -30.48 22.47 9.42
N VAL E 20 -30.10 22.72 8.16
CA VAL E 20 -30.05 24.05 7.57
C VAL E 20 -30.96 23.97 6.33
N ASN E 21 -31.95 24.88 6.24
CA ASN E 21 -32.88 25.04 5.08
C ASN E 21 -32.24 26.10 4.17
N LEU E 22 -32.28 25.86 2.85
CA LEU E 22 -31.73 26.75 1.84
C LEU E 22 -32.85 27.21 0.93
N ILE E 23 -33.01 28.52 0.87
CA ILE E 23 -34.07 29.24 0.13
C ILE E 23 -33.56 29.69 -1.23
N THR E 24 -34.38 29.46 -2.28
CA THR E 24 -34.07 29.83 -3.67
C THR E 24 -35.36 30.29 -4.42
N PRO E 25 -35.29 31.36 -5.29
CA PRO E 25 -36.49 31.82 -6.04
C PRO E 25 -36.93 31.01 -7.32
N LEU E 26 -36.64 29.70 -7.33
CA LEU E 26 -36.95 28.75 -8.42
C LEU E 26 -38.45 28.44 -8.57
N GLU E 27 -39.00 28.98 -9.66
CA GLU E 27 -40.43 28.88 -10.06
C GLU E 27 -40.69 27.87 -11.17
N LYS E 28 -39.72 27.70 -12.06
CA LYS E 28 -39.81 26.77 -13.20
C LYS E 28 -39.11 25.42 -12.91
N PRO E 29 -39.61 24.26 -13.46
CA PRO E 29 -38.94 22.96 -13.23
C PRO E 29 -37.59 22.79 -13.96
N LEU E 30 -36.66 22.07 -13.31
CA LEU E 30 -35.32 21.79 -13.82
C LEU E 30 -35.11 20.62 -14.79
N GLN E 31 -34.52 20.96 -15.94
CA GLN E 31 -34.16 19.98 -16.96
C GLN E 31 -32.65 19.72 -16.97
N ASN E 32 -31.88 20.73 -16.52
CA ASN E 32 -30.40 20.71 -16.42
C ASN E 32 -29.96 21.33 -15.11
N PHE E 33 -28.91 20.73 -14.50
CA PHE E 33 -28.26 21.24 -13.27
C PHE E 33 -26.82 20.75 -13.09
N THR E 34 -26.11 21.47 -12.23
CA THR E 34 -24.76 21.19 -11.73
C THR E 34 -24.81 21.65 -10.30
N LEU E 35 -24.27 20.79 -9.44
CA LEU E 35 -24.20 20.98 -8.01
C LEU E 35 -22.80 20.61 -7.53
N CYS E 36 -22.14 21.60 -6.96
CA CYS E 36 -20.78 21.69 -6.41
C CYS E 36 -20.78 21.90 -4.95
N PHE E 37 -20.07 21.11 -4.13
CA PHE E 37 -19.82 21.35 -2.68
C PHE E 37 -18.56 20.63 -2.18
N ARG E 38 -18.21 20.97 -0.95
CA ARG E 38 -17.10 20.43 -0.20
C ARG E 38 -17.68 19.84 1.08
N ALA E 39 -17.26 18.62 1.40
CA ALA E 39 -17.66 17.92 2.61
C ALA E 39 -16.49 17.18 3.30
N TYR E 40 -16.58 17.17 4.64
CA TYR E 40 -15.62 16.52 5.53
C TYR E 40 -16.37 15.88 6.70
N SER E 41 -16.39 14.54 6.63
CA SER E 41 -17.03 13.64 7.58
C SER E 41 -16.14 12.42 7.85
N ASP E 42 -16.24 11.88 9.07
CA ASP E 42 -15.55 10.64 9.44
C ASP E 42 -16.55 9.49 9.80
N LEU E 43 -17.74 9.60 9.20
CA LEU E 43 -18.86 8.66 9.34
C LEU E 43 -18.65 7.49 8.36
N SER E 44 -18.72 6.26 8.88
CA SER E 44 -18.55 5.02 8.11
C SER E 44 -19.87 4.56 7.47
N ARG E 45 -20.97 4.80 8.18
CA ARG E 45 -22.35 4.49 7.74
C ARG E 45 -22.85 5.40 6.58
N ALA E 46 -23.99 5.04 6.00
CA ALA E 46 -24.65 5.80 4.93
C ALA E 46 -25.23 7.13 5.46
N TYR E 47 -25.17 8.15 4.59
CA TYR E 47 -25.68 9.50 4.91
C TYR E 47 -26.10 10.32 3.71
N SER E 48 -26.94 11.31 4.04
CA SER E 48 -27.44 12.28 3.11
C SER E 48 -26.50 13.47 3.10
N LEU E 49 -26.21 13.92 1.88
CA LEU E 49 -25.36 15.07 1.58
C LEU E 49 -26.14 16.32 1.12
N PHE E 50 -27.25 16.13 0.39
CA PHE E 50 -28.12 17.20 -0.16
C PHE E 50 -29.50 16.55 -0.37
N SER E 51 -30.53 17.14 0.22
CA SER E 51 -31.91 16.63 0.10
C SER E 51 -32.82 17.71 -0.45
N TYR E 52 -33.43 17.43 -1.61
CA TYR E 52 -34.36 18.31 -2.34
C TYR E 52 -35.62 17.46 -2.45
N ASN E 53 -36.71 18.01 -1.90
CA ASN E 53 -38.04 17.40 -1.88
C ASN E 53 -39.11 18.44 -2.17
N THR E 54 -39.98 18.09 -3.11
CA THR E 54 -41.12 18.92 -3.56
C THR E 54 -42.44 18.38 -3.02
N GLN E 55 -43.50 19.22 -3.05
CA GLN E 55 -44.88 18.91 -2.59
C GLN E 55 -45.48 17.65 -3.23
N GLY E 56 -45.53 16.63 -2.38
CA GLY E 56 -46.01 15.30 -2.70
C GLY E 56 -44.94 14.32 -3.17
N ARG E 57 -43.73 14.83 -3.50
CA ARG E 57 -42.59 14.02 -3.99
C ARG E 57 -41.36 13.93 -3.07
N ASP E 58 -41.11 12.72 -2.56
CA ASP E 58 -39.92 12.39 -1.74
C ASP E 58 -38.77 12.05 -2.73
N ASN E 59 -37.50 12.28 -2.34
CA ASN E 59 -36.27 11.99 -3.13
C ASN E 59 -36.24 12.49 -4.59
N GLU E 60 -36.66 13.75 -4.75
CA GLU E 60 -36.71 14.44 -6.04
C GLU E 60 -35.33 14.64 -6.66
N LEU E 61 -34.40 15.04 -5.78
CA LEU E 61 -32.98 15.25 -6.06
C LEU E 61 -32.34 14.98 -4.71
N LEU E 62 -31.45 13.98 -4.72
CA LEU E 62 -30.74 13.53 -3.52
C LEU E 62 -29.36 13.07 -3.88
N VAL E 63 -28.38 13.57 -3.11
CA VAL E 63 -26.95 13.21 -3.20
C VAL E 63 -26.75 12.47 -1.88
N TYR E 64 -26.48 11.17 -2.02
CA TYR E 64 -26.35 10.21 -0.93
C TYR E 64 -25.05 9.38 -1.02
N LYS E 65 -24.32 9.32 0.10
CA LYS E 65 -23.10 8.52 0.17
C LYS E 65 -23.45 7.19 0.82
N GLU E 66 -23.40 6.10 0.04
CA GLU E 66 -23.70 4.70 0.41
C GLU E 66 -22.72 4.10 1.44
N ARG E 67 -21.44 4.22 1.10
CA ARG E 67 -20.26 3.75 1.82
C ARG E 67 -19.05 4.47 1.21
N VAL E 68 -17.84 4.07 1.62
CA VAL E 68 -16.52 4.57 1.15
C VAL E 68 -16.35 4.19 -0.34
N GLY E 69 -16.15 5.24 -1.13
CA GLY E 69 -15.98 5.15 -2.57
C GLY E 69 -17.22 4.96 -3.40
N GLU E 70 -18.40 5.26 -2.83
CA GLU E 70 -19.71 5.09 -3.46
C GLU E 70 -20.67 6.26 -3.22
N TYR E 71 -20.97 6.91 -4.35
CA TYR E 71 -21.84 8.09 -4.43
C TYR E 71 -23.04 7.78 -5.27
N SER E 72 -24.19 8.19 -4.76
CA SER E 72 -25.48 7.99 -5.40
C SER E 72 -26.24 9.28 -5.69
N LEU E 73 -26.98 9.21 -6.80
CA LEU E 73 -27.87 10.27 -7.23
C LEU E 73 -29.22 9.67 -7.48
N TYR E 74 -30.20 10.30 -6.82
CA TYR E 74 -31.64 10.02 -6.97
C TYR E 74 -32.28 11.18 -7.73
N ILE E 75 -32.95 10.87 -8.84
CA ILE E 75 -33.72 11.84 -9.65
C ILE E 75 -35.08 11.18 -9.72
N GLY E 76 -36.08 11.86 -9.13
CA GLY E 76 -37.49 11.45 -9.07
C GLY E 76 -37.82 10.05 -8.56
N ARG E 77 -37.14 9.66 -7.47
CA ARG E 77 -37.16 8.36 -6.74
C ARG E 77 -36.30 7.23 -7.35
N HIS E 78 -35.80 7.45 -8.59
CA HIS E 78 -34.93 6.49 -9.32
C HIS E 78 -33.47 6.75 -8.91
N LYS E 79 -32.71 5.67 -8.62
CA LYS E 79 -31.29 5.65 -8.18
C LYS E 79 -30.27 5.24 -9.27
N VAL E 80 -29.07 5.81 -9.11
CA VAL E 80 -27.86 5.63 -9.94
C VAL E 80 -26.64 5.77 -8.99
N THR E 81 -25.67 4.83 -9.06
CA THR E 81 -24.45 4.83 -8.23
C THR E 81 -23.16 4.70 -9.06
N SER E 82 -22.13 5.42 -8.60
CA SER E 82 -20.80 5.44 -9.20
C SER E 82 -19.72 5.24 -8.15
N LYS E 83 -18.71 4.46 -8.56
CA LYS E 83 -17.55 4.10 -7.73
C LYS E 83 -16.31 4.95 -7.96
N VAL E 84 -15.50 5.12 -6.91
CA VAL E 84 -14.24 5.90 -6.90
C VAL E 84 -13.24 5.36 -5.86
N ILE E 85 -11.94 5.60 -6.11
CA ILE E 85 -10.87 5.27 -5.17
C ILE E 85 -10.73 6.55 -4.33
N GLU E 86 -10.92 6.37 -3.02
CA GLU E 86 -10.72 7.42 -2.02
C GLU E 86 -10.30 6.90 -0.67
N LYS E 87 -9.56 7.77 0.02
CA LYS E 87 -9.06 7.54 1.36
C LYS E 87 -10.11 7.91 2.42
N PHE E 88 -10.12 7.11 3.48
CA PHE E 88 -11.02 7.30 4.61
C PHE E 88 -10.17 7.50 5.91
N PRO E 89 -10.32 8.66 6.62
CA PRO E 89 -11.19 9.84 6.39
C PRO E 89 -10.42 10.91 5.65
N ALA E 90 -11.14 11.55 4.72
CA ALA E 90 -10.57 12.58 3.85
C ALA E 90 -11.53 13.67 3.39
N PRO E 91 -11.02 14.94 3.15
CA PRO E 91 -11.89 16.02 2.65
C PRO E 91 -12.20 15.71 1.16
N VAL E 92 -13.43 15.98 0.75
CA VAL E 92 -13.90 15.71 -0.60
C VAL E 92 -14.65 16.89 -1.24
N HIS E 93 -14.42 17.08 -2.55
CA HIS E 93 -15.12 17.99 -3.38
C HIS E 93 -15.89 17.22 -4.39
N ILE E 94 -17.20 17.36 -4.31
CA ILE E 94 -18.17 16.65 -5.14
C ILE E 94 -18.85 17.61 -6.11
N CYS E 95 -18.92 17.19 -7.37
CA CYS E 95 -19.52 17.82 -8.50
C CYS E 95 -20.56 16.84 -9.10
N VAL E 96 -21.85 17.14 -9.11
CA VAL E 96 -22.86 16.30 -9.75
C VAL E 96 -23.74 17.10 -10.70
N SER E 97 -23.74 16.64 -11.94
CA SER E 97 -24.55 17.20 -12.99
C SER E 97 -25.49 16.22 -13.64
N TRP E 98 -26.65 16.71 -14.08
CA TRP E 98 -27.63 15.90 -14.81
C TRP E 98 -28.28 16.72 -15.92
N GLU E 99 -28.56 16.02 -17.03
CA GLU E 99 -29.15 16.56 -18.24
C GLU E 99 -30.34 15.66 -18.60
N SER E 100 -31.52 16.26 -18.77
CA SER E 100 -32.78 15.54 -19.10
C SER E 100 -32.87 14.96 -20.49
N SER E 101 -32.33 15.66 -21.50
CA SER E 101 -32.33 15.26 -22.92
C SER E 101 -31.63 13.92 -23.21
N SER E 102 -30.60 13.65 -22.40
CA SER E 102 -29.81 12.43 -22.49
C SER E 102 -29.99 11.49 -21.33
N GLY E 103 -30.40 12.03 -20.18
CA GLY E 103 -30.55 11.26 -18.94
C GLY E 103 -29.25 11.07 -18.16
N ILE E 104 -28.14 11.56 -18.71
CA ILE E 104 -26.78 11.46 -18.15
C ILE E 104 -26.50 12.25 -16.87
N ALA E 105 -25.96 11.49 -15.92
CA ALA E 105 -25.52 11.92 -14.61
C ALA E 105 -24.00 11.86 -14.66
N GLU E 106 -23.39 13.00 -14.34
CA GLU E 106 -21.93 13.20 -14.31
C GLU E 106 -21.39 13.53 -12.90
N PHE E 107 -20.60 12.61 -12.32
CA PHE E 107 -19.93 12.77 -11.01
C PHE E 107 -18.46 13.07 -11.18
N TRP E 108 -17.99 14.05 -10.39
CA TRP E 108 -16.59 14.49 -10.33
C TRP E 108 -16.19 14.53 -8.87
N ILE E 109 -15.25 13.67 -8.50
CA ILE E 109 -14.76 13.54 -7.12
C ILE E 109 -13.29 13.94 -7.17
N ASN E 110 -12.98 15.06 -6.50
CA ASN E 110 -11.64 15.69 -6.39
C ASN E 110 -10.95 16.04 -7.73
N GLY E 111 -11.82 16.53 -8.63
CA GLY E 111 -11.49 16.95 -9.99
C GLY E 111 -11.31 15.83 -10.99
N THR E 112 -11.64 14.61 -10.57
CA THR E 112 -11.54 13.38 -11.35
C THR E 112 -12.95 12.93 -11.79
N PRO E 113 -13.16 12.70 -13.13
CA PRO E 113 -14.47 12.25 -13.64
C PRO E 113 -14.76 10.75 -13.44
N LEU E 114 -15.98 10.45 -12.97
CA LEU E 114 -16.45 9.07 -12.76
C LEU E 114 -17.15 8.56 -14.00
N VAL E 115 -17.51 7.28 -14.01
CA VAL E 115 -18.23 6.65 -15.14
C VAL E 115 -19.65 7.23 -15.16
N LYS E 116 -20.01 7.78 -16.32
CA LYS E 116 -21.34 8.38 -16.58
C LYS E 116 -22.41 7.29 -16.58
N LYS E 117 -23.49 7.61 -15.84
CA LYS E 117 -24.66 6.76 -15.67
C LYS E 117 -25.89 7.52 -16.19
N GLY E 118 -27.00 6.81 -16.38
CA GLY E 118 -28.22 7.43 -16.88
C GLY E 118 -29.47 6.97 -16.21
N LEU E 119 -30.34 7.95 -16.02
CA LEU E 119 -31.64 7.82 -15.39
C LEU E 119 -32.51 9.00 -15.81
N ARG E 120 -33.82 8.76 -15.74
CA ARG E 120 -34.93 9.69 -15.98
C ARG E 120 -34.89 10.64 -17.19
N GLN E 121 -34.59 10.07 -18.37
CA GLN E 121 -34.57 10.80 -19.66
C GLN E 121 -36.00 11.30 -19.95
N GLY E 122 -36.11 12.62 -20.16
CA GLY E 122 -37.39 13.27 -20.46
C GLY E 122 -38.11 13.89 -19.28
N TYR E 123 -37.57 13.69 -18.07
CA TYR E 123 -38.13 14.18 -16.80
C TYR E 123 -37.73 15.63 -16.49
N PHE E 124 -38.64 16.30 -15.79
CA PHE E 124 -38.47 17.68 -15.33
C PHE E 124 -38.60 17.59 -13.82
N VAL E 125 -37.51 17.94 -13.11
CA VAL E 125 -37.45 17.94 -11.62
C VAL E 125 -38.22 19.15 -11.12
N GLU E 126 -39.31 18.86 -10.41
CA GLU E 126 -40.24 19.83 -9.88
C GLU E 126 -39.75 21.02 -9.11
N ALA E 127 -40.41 22.15 -9.39
CA ALA E 127 -40.18 23.46 -8.82
C ALA E 127 -40.77 23.61 -7.40
N GLN E 128 -40.51 24.78 -6.76
CA GLN E 128 -40.89 25.17 -5.35
C GLN E 128 -40.39 24.09 -4.30
N PRO E 129 -39.04 23.83 -4.20
CA PRO E 129 -38.56 22.83 -3.25
C PRO E 129 -38.22 23.26 -1.82
N LYS E 130 -38.04 22.23 -0.99
CA LYS E 130 -37.56 22.35 0.37
C LYS E 130 -36.19 21.67 0.25
N ILE E 131 -35.15 22.49 0.36
CA ILE E 131 -33.77 22.08 0.27
C ILE E 131 -33.16 22.08 1.67
N VAL E 132 -32.82 20.88 2.18
CA VAL E 132 -32.17 20.74 3.49
C VAL E 132 -30.79 20.10 3.38
N LEU E 133 -29.95 20.52 4.33
CA LEU E 133 -28.59 20.04 4.55
C LEU E 133 -28.52 19.50 5.97
N GLY E 134 -27.85 18.35 6.13
CA GLY E 134 -27.64 17.68 7.41
C GLY E 134 -28.55 16.52 7.70
N GLN E 135 -29.71 16.46 7.03
CA GLN E 135 -30.74 15.42 7.18
C GLN E 135 -31.34 15.01 5.84
N GLU E 136 -31.98 13.86 5.83
CA GLU E 136 -32.67 13.26 4.71
C GLU E 136 -34.16 13.45 5.03
N GLN E 137 -34.89 14.01 4.05
CA GLN E 137 -36.33 14.27 4.17
C GLN E 137 -37.15 13.10 3.62
N ASP E 138 -38.29 12.81 4.28
CA ASP E 138 -39.29 11.81 3.80
C ASP E 138 -40.65 12.47 3.48
N SER E 139 -40.71 13.76 3.79
CA SER E 139 -41.84 14.68 3.55
C SER E 139 -41.24 16.07 3.22
N TYR E 140 -42.14 17.03 2.95
CA TYR E 140 -41.84 18.43 2.58
C TYR E 140 -41.24 19.20 3.77
N GLY E 141 -39.89 19.16 3.80
CA GLY E 141 -39.08 19.82 4.82
C GLY E 141 -38.92 19.10 6.14
N GLY E 142 -39.53 17.91 6.25
CA GLY E 142 -39.48 17.10 7.47
C GLY E 142 -39.38 15.62 7.27
N LYS E 143 -39.80 14.87 8.32
CA LYS E 143 -39.81 13.39 8.45
C LYS E 143 -38.40 12.80 8.21
N PHE E 144 -37.55 13.13 9.18
CA PHE E 144 -36.13 12.78 9.22
C PHE E 144 -35.84 11.41 9.85
N ASP E 145 -34.57 11.02 9.75
CA ASP E 145 -33.99 9.77 10.27
C ASP E 145 -32.71 10.19 11.05
N ARG E 146 -32.29 9.32 11.97
CA ARG E 146 -31.06 9.53 12.77
C ARG E 146 -29.88 8.82 12.04
N SER E 147 -30.19 7.69 11.40
CA SER E 147 -29.22 6.84 10.67
C SER E 147 -28.72 7.34 9.30
N GLN E 148 -29.35 8.38 8.77
CA GLN E 148 -29.00 8.97 7.47
C GLN E 148 -28.48 10.40 7.61
N SER E 149 -28.43 10.90 8.86
CA SER E 149 -27.96 12.26 9.16
C SER E 149 -26.46 12.45 8.92
N PHE E 150 -26.11 13.68 8.60
CA PHE E 150 -24.74 14.11 8.33
C PHE E 150 -24.18 14.70 9.62
N VAL E 151 -23.03 14.16 10.01
CA VAL E 151 -22.27 14.63 11.16
C VAL E 151 -20.98 15.04 10.42
N GLY E 152 -20.63 16.32 10.54
CA GLY E 152 -19.44 16.82 9.88
C GLY E 152 -19.49 18.24 9.42
N GLU E 153 -18.74 18.53 8.35
CA GLU E 153 -18.60 19.89 7.79
C GLU E 153 -18.94 20.05 6.31
N ILE E 154 -19.76 21.04 5.94
CA ILE E 154 -20.15 21.35 4.54
C ILE E 154 -19.75 22.79 4.26
N GLY E 155 -19.20 22.98 3.06
CA GLY E 155 -18.78 24.26 2.56
C GLY E 155 -18.82 24.28 1.07
N ASP E 156 -18.55 25.48 0.52
CA ASP E 156 -18.45 25.81 -0.92
C ASP E 156 -19.56 25.29 -1.84
N LEU E 157 -20.78 25.47 -1.36
CA LEU E 157 -22.01 25.03 -2.01
C LEU E 157 -22.60 25.99 -3.04
N TYR E 158 -22.55 25.52 -4.29
CA TYR E 158 -23.05 26.22 -5.48
C TYR E 158 -23.92 25.31 -6.37
N MET E 159 -25.02 25.88 -6.88
CA MET E 159 -25.96 25.22 -7.79
C MET E 159 -26.37 26.14 -8.96
N TRP E 160 -26.12 25.63 -10.17
CA TRP E 160 -26.38 26.15 -11.54
C TRP E 160 -27.51 25.46 -12.17
N ASP E 161 -28.26 26.10 -13.08
CA ASP E 161 -29.36 25.48 -13.86
C ASP E 161 -28.92 24.94 -15.23
N SER E 162 -27.60 24.83 -15.39
CA SER E 162 -26.97 24.30 -16.59
C SER E 162 -25.99 23.20 -16.21
N VAL E 163 -25.60 22.40 -17.21
CA VAL E 163 -24.61 21.31 -17.14
C VAL E 163 -23.29 22.04 -17.46
N LEU E 164 -22.42 22.10 -16.45
CA LEU E 164 -21.14 22.78 -16.52
C LEU E 164 -20.06 22.02 -17.25
N PRO E 165 -19.25 22.70 -18.12
CA PRO E 165 -18.16 22.00 -18.85
C PRO E 165 -16.96 21.64 -17.89
N PRO E 166 -16.03 20.66 -18.26
CA PRO E 166 -14.87 20.27 -17.41
C PRO E 166 -14.01 21.33 -16.73
N GLU E 167 -13.79 22.42 -17.47
CA GLU E 167 -13.00 23.61 -17.07
C GLU E 167 -13.61 24.40 -15.89
N ASN E 168 -14.93 24.48 -15.91
CA ASN E 168 -15.73 25.18 -14.88
C ASN E 168 -15.84 24.38 -13.61
N ILE E 169 -15.87 23.04 -13.74
CA ILE E 169 -15.85 22.11 -12.74
C ILE E 169 -14.56 22.20 -11.89
N LEU E 170 -13.45 22.21 -12.67
CA LEU E 170 -12.06 22.30 -12.18
C LEU E 170 -11.67 23.59 -11.49
N SER E 171 -12.31 24.70 -11.90
CA SER E 171 -12.09 26.03 -11.31
C SER E 171 -12.82 26.17 -9.97
N ALA E 172 -13.92 25.40 -9.84
CA ALA E 172 -14.75 25.28 -8.63
C ALA E 172 -13.99 24.43 -7.56
N TYR E 173 -13.24 23.44 -8.07
CA TYR E 173 -12.39 22.55 -7.26
C TYR E 173 -11.13 23.31 -6.80
N GLN E 174 -10.60 24.20 -7.66
CA GLN E 174 -9.44 25.09 -7.38
C GLN E 174 -9.77 26.17 -6.34
N GLY E 175 -11.06 26.54 -6.27
CA GLY E 175 -11.54 27.53 -5.34
C GLY E 175 -11.66 28.90 -5.99
N THR E 176 -12.07 28.91 -7.27
CA THR E 176 -12.34 30.10 -8.13
C THR E 176 -13.60 29.74 -9.00
N PRO E 177 -14.81 29.60 -8.38
CA PRO E 177 -15.97 29.25 -9.20
C PRO E 177 -16.67 30.38 -9.95
N LEU E 178 -17.49 29.95 -10.89
CA LEU E 178 -18.37 30.79 -11.71
C LEU E 178 -19.60 31.13 -10.85
N PRO E 179 -20.17 32.38 -10.96
CA PRO E 179 -21.39 32.77 -10.19
C PRO E 179 -22.57 31.82 -10.52
N ALA E 180 -23.20 31.34 -9.46
CA ALA E 180 -24.30 30.39 -9.52
C ALA E 180 -25.70 30.95 -9.28
N ASN E 181 -26.61 30.61 -10.19
CA ASN E 181 -27.98 31.11 -10.19
C ASN E 181 -29.05 30.48 -9.31
N ILE E 182 -28.89 29.23 -8.85
CA ILE E 182 -29.89 28.59 -7.92
C ILE E 182 -29.42 28.81 -6.48
N LEU E 183 -28.20 28.36 -6.17
CA LEU E 183 -27.59 28.50 -4.85
C LEU E 183 -26.15 28.95 -5.00
N ASP E 184 -25.78 30.00 -4.26
CA ASP E 184 -24.44 30.58 -4.30
C ASP E 184 -24.04 30.79 -2.86
N TRP E 185 -22.85 30.28 -2.55
CA TRP E 185 -22.21 30.37 -1.24
C TRP E 185 -21.76 31.77 -0.84
N GLN E 186 -21.58 32.63 -1.86
CA GLN E 186 -21.18 34.02 -1.72
C GLN E 186 -22.33 35.05 -1.60
N ALA E 187 -23.59 34.55 -1.64
CA ALA E 187 -24.84 35.32 -1.49
C ALA E 187 -25.97 34.31 -1.25
N LEU E 188 -25.89 33.69 -0.08
CA LEU E 188 -26.83 32.66 0.38
C LEU E 188 -27.88 33.10 1.37
N ASN E 189 -29.08 32.58 1.14
CA ASN E 189 -30.30 32.75 1.96
C ASN E 189 -30.47 31.34 2.55
N TYR E 190 -30.17 31.27 3.84
CA TYR E 190 -30.27 30.05 4.59
C TYR E 190 -31.11 30.22 5.85
N GLU E 191 -31.32 29.10 6.55
CA GLU E 191 -32.10 29.02 7.78
C GLU E 191 -31.59 27.87 8.67
N ILE E 192 -30.84 28.23 9.71
CA ILE E 192 -30.29 27.32 10.73
C ILE E 192 -31.39 26.95 11.73
N ARG E 193 -31.64 25.65 11.83
CA ARG E 193 -32.60 25.04 12.75
C ARG E 193 -31.81 24.05 13.59
N GLY E 194 -31.75 24.35 14.88
CA GLY E 194 -31.06 23.50 15.87
C GLY E 194 -29.58 23.79 16.04
N TYR E 195 -28.85 22.75 16.44
CA TYR E 195 -27.40 22.81 16.68
C TYR E 195 -26.56 22.60 15.39
N VAL E 196 -26.32 23.74 14.76
CA VAL E 196 -25.47 23.90 13.58
C VAL E 196 -24.73 25.25 13.73
N ILE E 197 -23.40 25.10 13.75
CA ILE E 197 -22.40 26.16 13.96
C ILE E 197 -21.66 26.53 12.69
N ILE E 198 -21.37 27.83 12.55
CA ILE E 198 -20.60 28.44 11.47
C ILE E 198 -19.20 28.77 12.02
N LYS E 199 -18.22 28.03 11.50
CA LYS E 199 -16.80 28.16 11.83
C LYS E 199 -15.98 28.35 10.52
N PRO E 200 -14.69 28.90 10.57
CA PRO E 200 -13.92 29.05 9.30
C PRO E 200 -13.49 27.71 8.68
N LEU E 201 -13.27 27.70 7.36
CA LEU E 201 -12.82 26.55 6.55
C LEU E 201 -11.31 26.39 6.79
N VAL E 202 -10.94 25.37 7.56
CA VAL E 202 -9.54 25.12 7.92
C VAL E 202 -8.83 24.01 7.15
N TRP E 203 -9.62 23.23 6.41
CA TRP E 203 -9.16 22.06 5.66
C TRP E 203 -8.73 22.17 4.20
N VAL E 204 -9.64 22.46 3.27
CA VAL E 204 -9.31 22.63 1.82
C VAL E 204 -10.16 23.84 1.33
CA CA F . 12.79 -33.59 -11.33
CA CA G . 8.76 -33.30 -11.80
C1 CDG H . 8.15 -32.46 -3.64
C2 CDG H . 7.03 -32.22 -4.71
C3 CDG H . 7.12 -33.29 -5.85
C4 CDG H . 8.56 -33.34 -6.45
C5 CDG H . 9.57 -33.64 -5.32
C6 CDG H . 11.00 -33.61 -5.95
C7 CDG H . 10.24 -31.80 -7.58
C8 CDG H . 10.35 -32.67 -8.91
C9 CDG H . 10.56 -30.43 -8.12
O1 CDG H . 8.20 -31.37 -2.67
O2 CDG H . 5.75 -32.28 -4.07
O3 CDG H . 6.20 -32.99 -6.90
O4 CDG H . 8.87 -32.04 -7.08
O5 CDG H . 9.47 -32.61 -4.29
O6 CDG H . 11.26 -32.34 -6.64
O8A CDG H . 9.30 -32.97 -9.52
O8B CDG H . 11.47 -33.08 -9.29
C10 CDG H . 8.93 -30.18 -3.04
CA CA I . -11.70 8.61 34.88
CA CA J . -10.27 4.80 34.69
C1 CDG K . -16.36 3.08 29.43
C2 CDG K . -15.12 2.18 29.77
C3 CDG K . -14.77 2.28 31.29
C4 CDG K . -14.63 3.76 31.74
C5 CDG K . -15.93 4.54 31.42
C6 CDG K . -15.71 6.02 31.81
C7 CDG K . -13.25 5.84 31.18
C8 CDG K . -12.65 6.01 32.63
C9 CDG K . -12.15 6.44 30.36
O1 CDG K . -16.58 3.15 27.99
O2 CDG K . -15.38 0.82 29.40
O3 CDG K . -13.55 1.59 31.58
O4 CDG K . -13.49 4.38 31.02
O5 CDG K . -16.20 4.44 29.98
O6 CDG K . -14.54 6.59 31.15
O8A CDG K . -12.08 5.03 33.19
O8B CDG K . -12.82 7.09 33.25
C10 CDG K . -15.80 4.12 27.24
CA CA L . -20.82 -15.74 -27.28
CA CA M . -23.02 -15.03 -23.93
C1 CDG N . -18.15 -20.30 -19.91
C2 CDG N . -19.20 -19.32 -19.29
C3 CDG N . -20.48 -19.23 -20.19
C4 CDG N . -20.09 -18.91 -21.67
C5 CDG N . -19.10 -19.97 -22.20
C6 CDG N . -18.69 -19.56 -23.64
C7 CDG N . -18.88 -17.10 -23.00
C8 CDG N . -20.13 -16.75 -23.92
C9 CDG N . -18.16 -15.78 -22.99
O1 CDG N . -16.88 -20.25 -19.18
O2 CDG N . -19.55 -19.77 -17.98
O3 CDG N . -21.37 -18.24 -19.72
O4 CDG N . -19.47 -17.57 -21.72
O5 CDG N . -17.91 -20.00 -21.34
O6 CDG N . -18.15 -18.21 -23.68
O8A CDG N . -21.23 -16.47 -23.38
O8B CDG N . -20.01 -16.81 -25.16
C10 CDG N . -15.95 -19.20 -19.54
CA CA O . 18.45 -18.59 27.14
CA CA P . 16.64 -21.15 24.56
C1 CDG Q . 9.42 -18.01 26.94
C2 CDG Q . 9.68 -18.97 25.71
C3 CDG Q . 10.76 -20.04 26.08
C4 CDG Q . 12.04 -19.37 26.65
C5 CDG Q . 11.67 -18.50 27.89
C6 CDG Q . 12.97 -17.80 28.38
C7 CDG Q . 13.81 -17.65 25.98
C8 CDG Q . 15.03 -18.65 26.14
C9 CDG Q . 14.34 -16.72 24.92
O1 CDG Q . 8.55 -16.91 26.56
O2 CDG Q . 8.46 -19.60 25.33
O3 CDG Q . 11.12 -20.81 24.94
O4 CDG Q . 12.65 -18.52 25.61
O5 CDG Q . 10.69 -17.50 27.50
O6 CDG Q . 13.59 -17.02 27.31
O8A CDG Q . 15.01 -19.75 25.54
O8B CDG Q . 15.98 -18.34 26.89
C10 CDG Q . 9.18 -15.76 25.93
CA CA R . -36.40 10.50 1.61
#